data_3LXA
#
_entry.id   3LXA
#
_cell.length_a   59.241
_cell.length_b   104.959
_cell.length_c   181.038
_cell.angle_alpha   90.000
_cell.angle_beta   90.000
_cell.angle_gamma   90.000
#
_symmetry.space_group_name_H-M   'P 21 21 21'
#
loop_
_entity.id
_entity.type
_entity.pdbx_description
1 polymer 'Alpha-galactosidase A'
2 branched alpha-D-mannopyranose-(1-3)-beta-D-mannopyranose-(1-4)-2-acetamido-2-deoxy-beta-D-glucopyranose-(1-4)-2-acetamido-2-deoxy-beta-D-glucopyranose
3 branched 2-acetamido-2-deoxy-beta-D-glucopyranose-(1-4)-2-acetamido-2-deoxy-beta-D-glucopyranose
4 non-polymer 2-acetamido-2-deoxy-beta-D-glucopyranose
5 non-polymer alpha-D-galactopyranose
6 water water
#
_entity_poly.entity_id   1
_entity_poly.type   'polypeptide(L)'
_entity_poly.pdbx_seq_one_letter_code
;LDNGLARTPTMGWLHWERFMCNLDCQEEPDSCISEKLFMEMAELMVSEGWKDAGYEYLCIDDCWMAPQRDSEGRLQADPQ
RFPHGIRQLANYVHSKGLKLGIYADVGNKTCAGFPGSFGYYDIDAQTFADWGVDLLKFDGCYCDSLENLADGYKHMSLAL
NRTGRSIVYSCSWPAYMWPFQKPNYTEIRQYCNHWRNFADIDDSWKSIKSILDWTSFNQERIVDVAGPGGWNDPDMLVIG
NFGLSWNQQVTQMALWAIMAAPLFMSNDLRHISPQAKALLQDKDVIAINQDPLGKQGYQLRQGDNFEVWERPLSGLAWAV
AMINRQEIGGPRSYTIAVASLGKGVACNPACFITQLLPVKRKLGFYEWTSRLRSHINPTGTVLLQLENTMQMSLKDLLHH
HHHH
;
_entity_poly.pdbx_strand_id   A,B
#
# COMPACT_ATOMS: atom_id res chain seq x y z
N LEU A 1 19.37 10.97 27.32
CA LEU A 1 19.44 12.24 28.11
C LEU A 1 19.07 11.92 29.55
N ASP A 2 19.85 12.41 30.50
CA ASP A 2 19.64 12.02 31.90
C ASP A 2 18.69 12.95 32.66
N ASN A 3 17.46 13.03 32.18
CA ASN A 3 16.45 13.89 32.77
C ASN A 3 15.34 13.08 33.39
N GLY A 4 15.59 11.78 33.50
CA GLY A 4 14.66 10.86 34.12
C GLY A 4 13.46 10.57 33.26
N LEU A 5 13.41 11.16 32.07
CA LEU A 5 12.27 10.97 31.16
C LEU A 5 12.50 9.87 30.13
N ALA A 6 11.39 9.37 29.57
CA ALA A 6 11.43 8.41 28.47
C ALA A 6 12.22 7.17 28.83
N ARG A 7 11.95 6.64 30.02
CA ARG A 7 12.59 5.42 30.47
C ARG A 7 12.15 4.25 29.61
N THR A 8 10.97 4.39 29.02
CA THR A 8 10.52 3.54 27.93
C THR A 8 10.22 4.49 26.79
N PRO A 9 10.12 3.99 25.54
CA PRO A 9 9.82 4.91 24.46
C PRO A 9 8.52 5.69 24.70
N THR A 10 8.59 6.98 24.41
CA THR A 10 7.49 7.91 24.55
C THR A 10 6.35 7.54 23.61
N MET A 11 5.13 7.51 24.14
CA MET A 11 3.96 7.24 23.31
C MET A 11 3.04 8.45 23.25
N GLY A 12 2.40 8.63 22.12
CA GLY A 12 1.46 9.72 21.99
C GLY A 12 0.92 9.88 20.61
N TRP A 13 0.62 11.13 20.29
CA TRP A 13 -0.03 11.51 19.05
C TRP A 13 0.57 12.81 18.58
N LEU A 14 0.81 12.89 17.28
CA LEU A 14 1.47 14.04 16.70
C LEU A 14 0.76 14.33 15.38
N HIS A 15 0.43 15.60 15.15
CA HIS A 15 -0.53 15.96 14.10
C HIS A 15 0.01 15.82 12.69
N TRP A 16 1.34 15.85 12.55
CA TRP A 16 1.96 16.21 11.28
C TRP A 16 1.58 15.39 10.05
N GLU A 17 1.81 14.08 10.11
CA GLU A 17 1.64 13.29 8.89
C GLU A 17 0.20 13.41 8.41
N ARG A 18 -0.73 13.10 9.31
CA ARG A 18 -2.15 13.25 9.03
C ARG A 18 -2.53 14.66 8.52
N PHE A 19 -2.15 15.69 9.27
CA PHE A 19 -2.77 17.01 9.13
C PHE A 19 -1.89 18.08 8.52
N MET A 20 -0.57 17.90 8.64
CA MET A 20 0.40 18.76 7.95
C MET A 20 0.32 20.22 8.35
N CYS A 21 0.48 21.11 7.38
CA CYS A 21 0.51 22.54 7.68
C CYS A 21 -0.74 23.22 7.16
N ASN A 22 -1.89 22.64 7.47
CA ASN A 22 -3.16 23.12 6.98
C ASN A 22 -3.63 24.37 7.74
N LEU A 23 -3.53 25.52 7.08
CA LEU A 23 -3.84 26.80 7.72
C LEU A 23 -5.21 27.38 7.32
N ASP A 24 -5.99 26.60 6.58
CA ASP A 24 -7.26 27.08 6.06
C ASP A 24 -8.44 26.65 6.94
N CYS A 25 -8.72 27.44 7.98
CA CYS A 25 -9.79 27.10 8.92
C CYS A 25 -11.14 27.53 8.42
N GLN A 26 -11.10 28.36 7.39
CA GLN A 26 -12.28 28.88 6.74
C GLN A 26 -12.88 27.79 5.85
N GLU A 27 -12.09 27.28 4.91
CA GLU A 27 -12.54 26.20 4.03
C GLU A 27 -12.48 24.82 4.68
N GLU A 28 -11.73 24.68 5.77
CA GLU A 28 -11.42 23.36 6.32
C GLU A 28 -11.30 23.42 7.83
N PRO A 29 -12.34 23.92 8.50
CA PRO A 29 -12.27 24.08 9.95
C PRO A 29 -11.94 22.81 10.73
N ASP A 30 -12.23 21.63 10.17
CA ASP A 30 -12.07 20.38 10.93
C ASP A 30 -10.72 19.73 10.81
N SER A 31 -9.86 20.30 9.97
CA SER A 31 -8.56 19.70 9.69
C SER A 31 -7.44 20.73 9.48
N CYS A 32 -7.76 22.00 9.69
CA CYS A 32 -6.74 23.02 9.81
C CYS A 32 -6.15 22.89 11.21
N ILE A 33 -4.91 23.37 11.36
CA ILE A 33 -4.19 23.26 12.61
C ILE A 33 -4.68 24.30 13.60
N SER A 34 -5.44 23.86 14.61
CA SER A 34 -6.08 24.77 15.55
C SER A 34 -6.23 24.16 16.94
N GLU A 35 -6.41 25.02 17.94
CA GLU A 35 -6.63 24.58 19.30
C GLU A 35 -7.79 23.59 19.37
N LYS A 36 -8.76 23.78 18.49
CA LYS A 36 -9.92 22.91 18.40
C LYS A 36 -9.47 21.50 18.05
N LEU A 37 -8.62 21.38 17.03
CA LEU A 37 -8.12 20.07 16.59
C LEU A 37 -7.54 19.29 17.77
N PHE A 38 -6.68 19.94 18.52
CA PHE A 38 -5.98 19.29 19.61
C PHE A 38 -6.85 18.95 20.79
N MET A 39 -7.85 19.79 21.04
CA MET A 39 -8.77 19.55 22.12
C MET A 39 -9.61 18.32 21.81
N GLU A 40 -10.06 18.22 20.57
CA GLU A 40 -10.82 17.06 20.13
C GLU A 40 -10.02 15.78 20.28
N MET A 41 -8.77 15.81 19.81
CA MET A 41 -7.91 14.65 19.98
C MET A 41 -7.74 14.31 21.45
N ALA A 42 -7.60 15.35 22.27
CA ALA A 42 -7.34 15.16 23.70
C ALA A 42 -8.50 14.42 24.35
N GLU A 43 -9.73 14.82 24.03
CA GLU A 43 -10.92 14.16 24.57
C GLU A 43 -10.95 12.70 24.17
N LEU A 44 -10.74 12.47 22.88
CA LEU A 44 -10.73 11.13 22.32
C LEU A 44 -9.57 10.28 22.83
N MET A 45 -8.41 10.87 23.05
CA MET A 45 -7.30 10.12 23.65
C MET A 45 -7.75 9.50 24.98
N VAL A 46 -8.58 10.23 25.71
CA VAL A 46 -9.17 9.68 26.93
C VAL A 46 -10.37 8.78 26.63
N SER A 47 -11.38 9.30 25.96
CA SER A 47 -12.63 8.56 25.77
C SER A 47 -12.49 7.26 24.96
N GLU A 48 -11.48 7.19 24.11
CA GLU A 48 -11.31 6.03 23.24
C GLU A 48 -10.21 5.06 23.70
N GLY A 49 -9.71 5.26 24.92
CA GLY A 49 -8.80 4.31 25.56
C GLY A 49 -7.35 4.44 25.16
N TRP A 50 -7.03 5.45 24.36
CA TRP A 50 -5.66 5.71 23.91
C TRP A 50 -4.74 6.01 25.08
N LYS A 51 -5.21 6.83 26.02
CA LYS A 51 -4.45 7.12 27.23
C LYS A 51 -4.17 5.83 28.00
N ASP A 52 -5.19 4.98 28.14
CA ASP A 52 -5.00 3.71 28.86
C ASP A 52 -4.02 2.77 28.20
N ALA A 53 -3.96 2.75 26.87
CA ALA A 53 -3.01 1.89 26.18
C ALA A 53 -1.57 2.39 26.38
N GLY A 54 -1.45 3.68 26.70
CA GLY A 54 -0.16 4.29 27.02
C GLY A 54 0.12 5.57 26.26
N TYR A 55 -0.75 5.91 25.32
CA TYR A 55 -0.56 7.12 24.50
C TYR A 55 -0.91 8.29 25.35
N GLU A 56 0.11 9.05 25.72
CA GLU A 56 -0.10 10.08 26.72
C GLU A 56 0.32 11.49 26.29
N TYR A 57 1.22 11.59 25.31
CA TYR A 57 1.63 12.89 24.80
C TYR A 57 0.83 13.35 23.60
N LEU A 58 0.08 14.42 23.77
CA LEU A 58 -0.60 15.07 22.66
C LEU A 58 0.31 16.17 22.07
N CYS A 59 0.82 15.96 20.86
CA CYS A 59 1.89 16.83 20.38
C CYS A 59 1.49 17.70 19.19
N ILE A 60 1.76 19.00 19.33
CA ILE A 60 1.62 19.94 18.23
C ILE A 60 2.89 19.92 17.40
N ASP A 61 2.74 19.78 16.09
CA ASP A 61 3.89 19.83 15.21
C ASP A 61 4.01 21.25 14.67
N ASP A 62 4.63 21.41 13.52
CA ASP A 62 4.83 22.71 12.88
C ASP A 62 3.52 23.46 12.59
N CYS A 63 3.63 24.77 12.41
CA CYS A 63 2.54 25.68 11.99
C CYS A 63 1.50 25.94 13.06
N TRP A 64 1.94 25.95 14.32
CA TRP A 64 1.10 26.43 15.42
C TRP A 64 1.38 27.89 15.68
N MET A 65 2.55 28.37 15.28
CA MET A 65 2.94 29.73 15.64
C MET A 65 2.46 30.77 14.67
N ALA A 66 2.29 31.97 15.19
CA ALA A 66 2.09 33.17 14.39
C ALA A 66 3.37 33.52 13.62
N PRO A 67 3.27 34.42 12.64
CA PRO A 67 4.42 34.62 11.76
C PRO A 67 5.61 35.37 12.38
N GLN A 68 5.41 36.07 13.51
CA GLN A 68 6.56 36.60 14.27
C GLN A 68 6.45 36.50 15.77
N ARG A 69 7.57 36.78 16.42
CA ARG A 69 7.64 36.86 17.87
C ARG A 69 6.96 38.14 18.35
N ASP A 70 6.42 38.10 19.57
CA ASP A 70 5.78 39.28 20.17
C ASP A 70 6.83 40.31 20.55
N SER A 71 6.38 41.47 21.05
CA SER A 71 7.32 42.57 21.32
C SER A 71 8.28 42.30 22.48
N GLU A 72 8.12 41.14 23.13
CA GLU A 72 9.06 40.69 24.17
C GLU A 72 9.96 39.57 23.65
N GLY A 73 9.89 39.35 22.34
CA GLY A 73 10.69 38.34 21.67
C GLY A 73 10.26 36.90 21.91
N ARG A 74 8.99 36.69 22.25
CA ARG A 74 8.45 35.34 22.45
C ARG A 74 7.73 34.83 21.21
N LEU A 75 7.92 33.56 20.88
CA LEU A 75 7.06 32.90 19.88
C LEU A 75 5.59 33.03 20.31
N GLN A 76 4.70 33.24 19.35
CA GLN A 76 3.25 33.31 19.67
C GLN A 76 2.42 32.26 18.93
N ALA A 77 1.42 31.71 19.62
CA ALA A 77 0.43 30.85 18.99
C ALA A 77 -0.27 31.72 17.95
N ASP A 78 -0.60 31.15 16.80
CA ASP A 78 -1.35 31.91 15.82
C ASP A 78 -2.60 32.43 16.51
N PRO A 79 -2.85 33.75 16.38
CA PRO A 79 -3.95 34.38 17.11
C PRO A 79 -5.32 33.87 16.68
N GLN A 80 -5.54 33.63 15.38
CA GLN A 80 -6.83 33.08 14.99
C GLN A 80 -7.00 31.58 15.13
N ARG A 81 -5.92 30.81 15.07
CA ARG A 81 -6.03 29.36 15.18
C ARG A 81 -5.81 28.83 16.60
N PHE A 82 -5.15 29.63 17.42
CA PHE A 82 -4.99 29.31 18.82
C PHE A 82 -5.37 30.52 19.67
N PRO A 83 -6.66 30.98 19.55
CA PRO A 83 -7.10 32.17 20.28
C PRO A 83 -6.87 32.15 21.77
N HIS A 84 -6.99 30.99 22.43
CA HIS A 84 -6.80 30.93 23.88
C HIS A 84 -5.37 30.64 24.27
N GLY A 85 -4.49 30.60 23.25
CA GLY A 85 -3.07 30.37 23.46
C GLY A 85 -2.73 28.97 23.92
N ILE A 86 -1.44 28.73 24.08
CA ILE A 86 -0.93 27.43 24.39
C ILE A 86 -1.13 27.06 25.83
N ARG A 87 -0.97 28.03 26.73
CA ARG A 87 -1.14 27.78 28.16
C ARG A 87 -2.46 27.10 28.43
N GLN A 88 -3.57 27.72 28.00
CA GLN A 88 -4.91 27.19 28.24
C GLN A 88 -5.07 25.80 27.66
N LEU A 89 -4.52 25.62 26.45
CA LEU A 89 -4.48 24.32 25.80
C LEU A 89 -3.71 23.30 26.63
N ALA A 90 -2.55 23.68 27.16
CA ALA A 90 -1.76 22.78 28.01
C ALA A 90 -2.57 22.43 29.25
N ASN A 91 -3.28 23.42 29.79
CA ASN A 91 -4.12 23.23 30.96
C ASN A 91 -5.19 22.20 30.65
N TYR A 92 -5.85 22.40 29.52
CA TYR A 92 -6.87 21.49 29.05
C TYR A 92 -6.34 20.06 29.02
N VAL A 93 -5.26 19.88 28.26
CA VAL A 93 -4.62 18.58 28.14
C VAL A 93 -4.29 17.99 29.50
N HIS A 94 -3.70 18.80 30.38
CA HIS A 94 -3.33 18.33 31.72
C HIS A 94 -4.52 17.88 32.52
N SER A 95 -5.64 18.60 32.39
CA SER A 95 -6.87 18.20 33.08
C SER A 95 -7.35 16.83 32.63
N LYS A 96 -6.99 16.45 31.41
CA LYS A 96 -7.35 15.14 30.89
C LYS A 96 -6.43 14.04 31.42
N GLY A 97 -5.30 14.44 32.01
CA GLY A 97 -4.28 13.52 32.51
C GLY A 97 -3.27 13.22 31.43
N LEU A 98 -3.31 14.02 30.37
CA LEU A 98 -2.40 13.89 29.24
C LEU A 98 -1.33 14.95 29.37
N LYS A 99 -0.32 14.89 28.49
CA LYS A 99 0.71 15.93 28.47
C LYS A 99 0.78 16.56 27.11
N LEU A 100 1.33 17.76 27.06
CA LEU A 100 1.37 18.50 25.81
C LEU A 100 2.75 18.56 25.19
N GLY A 101 2.79 18.30 23.89
CA GLY A 101 4.02 18.42 23.11
C GLY A 101 3.92 19.60 22.16
N ILE A 102 5.06 20.21 21.88
CA ILE A 102 5.11 21.35 20.95
C ILE A 102 6.34 21.23 20.06
N TYR A 103 6.45 22.12 19.08
CA TYR A 103 7.41 21.99 18.01
C TYR A 103 8.15 23.30 17.83
N ALA A 104 9.47 23.21 17.72
CA ALA A 104 10.31 24.37 17.43
C ALA A 104 11.43 23.95 16.50
N ASP A 105 12.22 24.91 16.05
CA ASP A 105 13.31 24.59 15.14
C ASP A 105 14.61 25.21 15.60
N VAL A 106 15.69 24.47 15.45
CA VAL A 106 17.01 24.90 15.89
C VAL A 106 17.57 26.05 15.04
N GLY A 107 17.12 26.13 13.79
CA GLY A 107 17.58 27.17 12.89
C GLY A 107 16.76 28.45 12.92
N ASN A 108 16.99 29.28 11.90
CA ASN A 108 16.32 30.57 11.75
C ASN A 108 14.82 30.44 11.47
N LYS A 109 14.40 29.31 10.90
CA LYS A 109 12.98 29.07 10.65
C LYS A 109 12.61 27.60 10.84
N THR A 110 11.36 27.35 11.21
CA THR A 110 10.81 26.01 11.12
C THR A 110 10.76 25.59 9.65
N CYS A 111 10.57 24.29 9.42
CA CYS A 111 10.56 23.76 8.06
C CYS A 111 9.46 24.40 7.25
N ALA A 112 8.30 24.66 7.88
CA ALA A 112 7.20 25.34 7.22
C ALA A 112 7.45 26.84 6.96
N GLY A 113 8.45 27.45 7.59
CA GLY A 113 8.80 28.86 7.35
C GLY A 113 8.50 29.83 8.48
N PHE A 114 8.06 29.29 9.61
CA PHE A 114 7.72 30.08 10.79
C PHE A 114 8.96 30.29 11.65
N PRO A 115 8.85 31.18 12.66
CA PRO A 115 10.00 31.57 13.47
C PRO A 115 10.80 30.43 14.09
N GLY A 116 12.10 30.41 13.76
CA GLY A 116 13.02 29.47 14.33
C GLY A 116 13.45 29.97 15.69
N SER A 117 14.14 29.12 16.43
CA SER A 117 14.58 29.45 17.77
C SER A 117 16.03 29.89 17.83
N PHE A 118 16.69 29.97 16.68
CA PHE A 118 18.06 30.44 16.67
C PHE A 118 18.16 31.86 17.21
N GLY A 119 18.99 32.01 18.25
CA GLY A 119 19.09 33.23 19.02
C GLY A 119 18.02 33.42 20.09
N TYR A 120 17.16 32.43 20.32
CA TYR A 120 16.09 32.59 21.30
C TYR A 120 15.92 31.38 22.18
N TYR A 121 16.93 30.52 22.19
CA TYR A 121 16.79 29.23 22.82
C TYR A 121 16.30 29.37 24.25
N ASP A 122 16.90 30.28 25.01
CA ASP A 122 16.56 30.44 26.42
C ASP A 122 15.14 30.99 26.58
N ILE A 123 14.86 32.09 25.88
CA ILE A 123 13.52 32.67 25.84
C ILE A 123 12.53 31.57 25.52
N ASP A 124 12.79 30.83 24.45
CA ASP A 124 11.85 29.83 23.98
C ASP A 124 11.68 28.70 24.97
N ALA A 125 12.78 28.21 25.53
CA ALA A 125 12.75 27.20 26.56
C ALA A 125 11.89 27.69 27.72
N GLN A 126 12.17 28.90 28.20
CA GLN A 126 11.43 29.45 29.34
C GLN A 126 9.93 29.60 29.04
N THR A 127 9.63 30.09 27.84
CA THR A 127 8.28 30.21 27.34
C THR A 127 7.55 28.87 27.39
N PHE A 128 8.23 27.81 26.96
CA PHE A 128 7.62 26.49 26.91
C PHE A 128 7.41 25.96 28.30
N ALA A 129 8.43 26.10 29.13
CA ALA A 129 8.33 25.67 30.53
C ALA A 129 7.16 26.32 31.23
N ASP A 130 7.02 27.63 31.05
CA ASP A 130 5.98 28.38 31.73
C ASP A 130 4.56 28.00 31.27
N TRP A 131 4.36 27.81 29.96
CA TRP A 131 3.08 27.36 29.41
C TRP A 131 2.67 26.01 29.97
N GLY A 132 3.67 25.22 30.37
CA GLY A 132 3.43 23.89 30.89
C GLY A 132 3.65 22.78 29.86
N VAL A 133 4.33 23.12 28.77
CA VAL A 133 4.76 22.14 27.76
C VAL A 133 5.53 21.02 28.41
N ASP A 134 5.34 19.79 27.93
CA ASP A 134 6.00 18.64 28.53
C ASP A 134 6.92 17.91 27.57
N LEU A 135 6.86 18.31 26.31
CA LEU A 135 7.66 17.67 25.28
C LEU A 135 7.94 18.66 24.19
N LEU A 136 9.17 18.64 23.70
CA LEU A 136 9.56 19.46 22.58
C LEU A 136 10.22 18.67 21.48
N LYS A 137 9.63 18.73 20.30
CA LYS A 137 10.23 18.23 19.08
C LYS A 137 11.03 19.40 18.50
N PHE A 138 12.32 19.18 18.30
CA PHE A 138 13.18 20.27 17.87
C PHE A 138 13.79 19.90 16.52
N ASP A 139 13.34 20.59 15.49
CA ASP A 139 13.64 20.23 14.10
C ASP A 139 14.92 20.89 13.62
N GLY A 140 15.49 20.38 12.54
CA GLY A 140 16.78 20.86 12.04
C GLY A 140 16.78 21.87 10.93
N CYS A 141 15.62 22.15 10.33
CA CYS A 141 15.55 23.07 9.18
C CYS A 141 16.26 24.40 9.34
N TYR A 142 16.65 25.00 8.21
CA TYR A 142 17.27 26.33 8.13
C TYR A 142 18.40 26.55 9.13
N CYS A 143 19.41 25.68 9.03
CA CYS A 143 20.63 25.84 9.77
C CYS A 143 21.79 25.97 8.79
N ASP A 144 22.62 26.98 8.96
CA ASP A 144 23.69 27.31 8.00
C ASP A 144 24.88 26.36 8.02
N SER A 145 25.19 25.77 9.17
CA SER A 145 26.33 24.86 9.29
C SER A 145 26.04 23.75 10.29
N LEU A 146 26.86 22.71 10.27
CA LEU A 146 26.66 21.59 11.19
C LEU A 146 27.16 21.92 12.59
N GLU A 147 28.14 22.80 12.66
CA GLU A 147 28.59 23.38 13.90
C GLU A 147 27.45 24.01 14.65
N ASN A 148 26.72 24.88 13.95
CA ASN A 148 25.55 25.53 14.50
C ASN A 148 24.51 24.51 14.91
N LEU A 149 24.15 23.64 13.96
CA LEU A 149 23.24 22.54 14.22
C LEU A 149 23.53 21.90 15.56
N ALA A 150 24.75 21.37 15.71
CA ALA A 150 25.15 20.71 16.94
C ALA A 150 25.01 21.62 18.15
N ASP A 151 25.36 22.89 17.99
CA ASP A 151 25.32 23.82 19.11
C ASP A 151 23.92 24.11 19.57
N GLY A 152 23.08 24.54 18.63
CA GLY A 152 21.68 24.85 18.92
C GLY A 152 21.06 23.71 19.69
N TYR A 153 21.26 22.50 19.19
CA TYR A 153 20.70 21.32 19.82
C TYR A 153 21.17 21.16 21.27
N LYS A 154 22.48 21.28 21.50
CA LYS A 154 23.03 21.21 22.85
C LYS A 154 22.55 22.35 23.74
N HIS A 155 22.43 23.54 23.16
CA HIS A 155 22.03 24.72 23.89
C HIS A 155 20.60 24.55 24.38
N MET A 156 19.69 24.23 23.45
CA MET A 156 18.28 24.02 23.81
C MET A 156 18.14 22.97 24.90
N SER A 157 18.96 21.93 24.80
CA SER A 157 18.99 20.86 25.77
C SER A 157 19.26 21.38 27.18
N LEU A 158 20.23 22.26 27.31
CA LEU A 158 20.57 22.85 28.61
C LEU A 158 19.52 23.89 29.02
N ALA A 159 19.17 24.78 28.09
CA ALA A 159 18.13 25.80 28.30
C ALA A 159 16.87 25.19 28.91
N LEU A 160 16.39 24.10 28.28
CA LEU A 160 15.27 23.33 28.80
C LEU A 160 15.53 22.81 30.21
N ASN A 161 16.72 22.24 30.41
CA ASN A 161 17.12 21.72 31.71
C ASN A 161 17.07 22.81 32.78
N ARG A 162 17.61 23.97 32.42
CA ARG A 162 17.64 25.13 33.31
C ARG A 162 16.26 25.63 33.74
N THR A 163 15.23 25.47 32.90
CA THR A 163 13.88 25.88 33.30
C THR A 163 13.38 25.05 34.49
N GLY A 164 14.04 23.92 34.76
CA GLY A 164 13.66 23.07 35.87
C GLY A 164 12.43 22.21 35.66
N ARG A 165 11.79 22.30 34.48
CA ARG A 165 10.60 21.51 34.16
C ARG A 165 10.97 20.27 33.37
N SER A 166 10.35 19.14 33.72
CA SER A 166 10.48 17.95 32.91
C SER A 166 9.85 18.17 31.54
N ILE A 167 10.69 18.05 30.51
CA ILE A 167 10.27 18.16 29.12
C ILE A 167 10.98 17.09 28.29
N VAL A 168 10.23 16.17 27.69
CA VAL A 168 10.85 15.23 26.77
C VAL A 168 11.44 16.05 25.64
N TYR A 169 12.71 15.78 25.32
CA TYR A 169 13.43 16.52 24.29
C TYR A 169 13.70 15.61 23.08
N SER A 170 13.09 15.96 21.95
CA SER A 170 13.17 15.16 20.75
C SER A 170 13.99 15.88 19.68
N CYS A 171 15.15 15.35 19.31
CA CYS A 171 16.06 16.08 18.42
C CYS A 171 16.24 15.43 17.05
N SER A 172 15.95 16.17 15.98
CA SER A 172 16.14 15.66 14.62
C SER A 172 17.60 15.83 14.16
N TRP A 173 18.45 16.22 15.10
CA TRP A 173 19.91 16.32 14.94
C TRP A 173 20.51 15.27 13.98
N PRO A 174 20.43 13.97 14.33
CA PRO A 174 21.16 13.00 13.50
C PRO A 174 20.65 12.96 12.06
N ALA A 175 19.37 13.21 11.84
CA ALA A 175 18.81 13.16 10.49
C ALA A 175 19.39 14.25 9.60
N TYR A 176 19.67 15.42 10.18
CA TYR A 176 20.22 16.50 9.40
C TYR A 176 21.72 16.36 9.18
N MET A 177 22.32 15.35 9.81
CA MET A 177 23.74 15.01 9.56
C MET A 177 23.94 14.07 8.37
N TRP A 178 23.04 13.08 8.19
CA TRP A 178 23.08 12.10 7.06
C TRP A 178 23.14 12.80 5.68
N PRO A 179 23.83 12.23 4.67
CA PRO A 179 24.53 10.94 4.55
C PRO A 179 26.04 10.93 4.83
N PHE A 180 26.68 12.08 4.67
CA PHE A 180 28.14 12.16 4.70
C PHE A 180 28.73 12.49 6.08
N GLN A 181 27.86 12.72 7.05
CA GLN A 181 28.31 13.12 8.37
C GLN A 181 27.88 12.12 9.43
N LYS A 182 28.79 11.21 9.77
CA LYS A 182 28.53 10.18 10.77
C LYS A 182 28.21 10.82 12.10
N PRO A 183 26.92 10.87 12.47
CA PRO A 183 26.56 11.56 13.70
C PRO A 183 27.17 10.85 14.91
N ASN A 184 27.58 11.63 15.90
CA ASN A 184 28.05 11.04 17.15
C ASN A 184 26.87 10.75 18.08
N TYR A 185 26.44 9.49 18.12
CA TYR A 185 25.28 9.12 18.94
C TYR A 185 25.52 9.18 20.46
N THR A 186 26.77 9.00 20.86
CA THR A 186 27.14 9.17 22.28
C THR A 186 26.80 10.60 22.74
N GLU A 187 27.16 11.56 21.90
CA GLU A 187 26.93 12.97 22.13
C GLU A 187 25.44 13.26 22.06
N ILE A 188 24.79 12.76 21.02
CA ILE A 188 23.35 12.98 20.82
C ILE A 188 22.57 12.42 22.01
N ARG A 189 22.98 11.22 22.41
CA ARG A 189 22.37 10.49 23.51
C ARG A 189 22.35 11.30 24.80
N GLN A 190 23.45 12.02 25.01
CA GLN A 190 23.63 12.83 26.19
C GLN A 190 22.65 13.99 26.28
N TYR A 191 22.29 14.55 25.14
CA TYR A 191 21.45 15.74 25.15
C TYR A 191 19.99 15.47 24.82
N CYS A 192 19.71 14.35 24.15
CA CYS A 192 18.35 14.10 23.65
C CYS A 192 17.71 12.84 24.22
N ASN A 193 16.38 12.89 24.39
CA ASN A 193 15.60 11.70 24.80
C ASN A 193 15.31 10.78 23.63
N HIS A 194 14.96 11.36 22.49
CA HIS A 194 14.97 10.63 21.25
C HIS A 194 15.37 11.46 20.09
N TRP A 195 15.67 10.81 18.98
CA TRP A 195 16.22 11.48 17.84
C TRP A 195 15.77 10.86 16.52
N ARG A 196 15.38 11.72 15.60
CA ARG A 196 15.03 11.30 14.25
C ARG A 196 16.29 11.03 13.48
N ASN A 197 16.38 9.85 12.89
CA ASN A 197 17.56 9.43 12.18
C ASN A 197 17.42 9.67 10.70
N PHE A 198 16.21 9.44 10.20
CA PHE A 198 16.03 9.31 8.77
C PHE A 198 14.88 10.16 8.25
N ALA A 199 14.77 10.23 6.92
CA ALA A 199 13.75 11.00 6.19
C ALA A 199 12.34 10.84 6.75
N ASP A 200 11.54 11.87 6.48
CA ASP A 200 10.15 11.94 6.94
C ASP A 200 9.33 10.77 6.45
N ILE A 201 8.58 10.16 7.35
CA ILE A 201 7.66 9.10 6.96
C ILE A 201 6.51 9.74 6.18
N ASP A 202 5.81 8.91 5.41
CA ASP A 202 4.53 9.33 4.89
C ASP A 202 3.59 8.12 4.79
N ASP A 203 2.43 8.34 4.20
CA ASP A 203 1.38 7.34 4.14
C ASP A 203 1.65 6.35 3.00
N SER A 204 2.78 5.66 3.04
CA SER A 204 3.09 4.71 1.98
C SER A 204 3.90 3.55 2.50
N TRP A 205 3.73 2.41 1.85
CA TRP A 205 4.53 1.23 2.13
C TRP A 205 5.97 1.47 1.68
N LYS A 206 6.12 2.20 0.58
CA LYS A 206 7.43 2.62 0.12
C LYS A 206 8.21 3.26 1.28
N SER A 207 7.62 4.25 1.92
CA SER A 207 8.31 4.96 2.97
C SER A 207 8.67 4.06 4.15
N ILE A 208 7.72 3.27 4.63
CA ILE A 208 7.99 2.30 5.70
C ILE A 208 9.23 1.44 5.40
N LYS A 209 9.23 0.83 4.22
CA LYS A 209 10.31 -0.03 3.78
C LYS A 209 11.63 0.70 3.77
N SER A 210 11.61 1.88 3.17
CA SER A 210 12.76 2.75 3.14
C SER A 210 13.33 2.92 4.55
N ILE A 211 12.46 3.17 5.53
CA ILE A 211 12.87 3.32 6.93
C ILE A 211 13.42 2.03 7.54
N LEU A 212 12.69 0.92 7.37
CA LEU A 212 13.15 -0.35 7.87
C LEU A 212 14.51 -0.70 7.32
N ASP A 213 14.67 -0.51 6.01
CA ASP A 213 15.92 -0.84 5.34
C ASP A 213 17.04 0.06 5.80
N TRP A 214 16.76 1.35 5.88
CA TRP A 214 17.77 2.27 6.34
C TRP A 214 18.21 1.88 7.75
N THR A 215 17.25 1.53 8.59
CA THR A 215 17.55 1.12 9.96
C THR A 215 18.42 -0.13 9.99
N SER A 216 17.98 -1.22 9.36
CA SER A 216 18.75 -2.45 9.38
C SER A 216 20.14 -2.24 8.76
N PHE A 217 20.19 -1.57 7.61
CA PHE A 217 21.48 -1.26 6.95
C PHE A 217 22.44 -0.57 7.89
N ASN A 218 21.93 0.39 8.66
CA ASN A 218 22.73 1.18 9.58
C ASN A 218 22.71 0.65 10.99
N GLN A 219 22.37 -0.62 11.17
CA GLN A 219 22.03 -1.10 12.52
C GLN A 219 23.20 -1.13 13.51
N GLU A 220 24.32 -1.74 13.15
CA GLU A 220 25.49 -1.78 14.03
C GLU A 220 25.77 -0.39 14.63
N ARG A 221 25.63 0.63 13.79
CA ARG A 221 25.91 2.01 14.18
C ARG A 221 24.93 2.63 15.23
N ILE A 222 23.70 2.13 15.31
CA ILE A 222 22.64 2.78 16.13
C ILE A 222 21.87 1.93 17.14
N VAL A 223 21.84 0.62 16.97
CA VAL A 223 21.02 -0.20 17.85
C VAL A 223 21.44 -0.10 19.31
N ASP A 224 22.75 -0.18 19.56
CA ASP A 224 23.25 -0.25 20.93
C ASP A 224 23.27 1.04 21.71
N VAL A 225 23.14 2.17 21.02
CA VAL A 225 23.11 3.46 21.70
C VAL A 225 21.76 3.65 22.37
N ALA A 226 20.75 2.98 21.82
CA ALA A 226 19.38 3.16 22.25
C ALA A 226 19.18 2.46 23.57
N GLY A 227 18.41 3.10 24.44
CA GLY A 227 18.06 2.50 25.74
C GLY A 227 17.23 3.46 26.54
N PRO A 228 16.90 3.09 27.80
CA PRO A 228 16.10 3.97 28.65
C PRO A 228 16.63 5.40 28.62
N GLY A 229 15.74 6.36 28.41
CA GLY A 229 16.11 7.76 28.36
C GLY A 229 16.66 8.26 27.03
N GLY A 230 16.88 7.36 26.09
CA GLY A 230 17.44 7.76 24.79
C GLY A 230 17.09 6.77 23.71
N TRP A 231 16.24 7.19 22.76
CA TRP A 231 15.76 6.29 21.71
C TRP A 231 15.98 6.75 20.27
N ASN A 232 16.13 5.77 19.38
CA ASN A 232 16.06 5.99 17.95
C ASN A 232 14.62 6.21 17.51
N ASP A 233 14.39 7.29 16.76
CA ASP A 233 13.05 7.65 16.27
C ASP A 233 12.92 7.44 14.75
N PRO A 234 12.26 6.34 14.34
CA PRO A 234 12.00 6.07 12.94
C PRO A 234 10.70 6.73 12.43
N ASP A 235 10.20 7.71 13.19
CA ASP A 235 9.04 8.56 12.82
C ASP A 235 7.66 7.96 13.15
N MET A 236 6.62 8.77 12.89
CA MET A 236 5.24 8.48 13.27
C MET A 236 4.68 7.16 12.76
N LEU A 237 3.80 6.57 13.56
CA LEU A 237 2.97 5.49 13.08
C LEU A 237 1.92 6.11 12.20
N VAL A 238 1.75 5.54 11.01
CA VAL A 238 0.82 6.09 10.03
C VAL A 238 -0.35 5.14 9.81
N ILE A 239 -0.38 4.10 10.64
CA ILE A 239 -1.50 3.14 10.74
C ILE A 239 -2.81 3.89 10.90
N GLY A 240 -3.83 3.46 10.16
CA GLY A 240 -5.18 4.01 10.31
C GLY A 240 -5.52 5.15 9.38
N ASN A 241 -4.66 5.38 8.39
CA ASN A 241 -4.85 6.48 7.46
C ASN A 241 -5.37 6.08 6.08
N PHE A 242 -4.52 6.15 5.04
CA PHE A 242 -5.00 5.98 3.66
C PHE A 242 -4.13 5.10 2.75
N GLY A 243 -2.82 5.15 2.93
CA GLY A 243 -1.91 4.54 1.97
C GLY A 243 -1.36 3.16 2.29
N LEU A 244 -1.79 2.57 3.39
CA LEU A 244 -1.25 1.26 3.80
C LEU A 244 -2.29 0.18 3.77
N SER A 245 -1.93 -0.97 3.20
CA SER A 245 -2.77 -2.15 3.27
C SER A 245 -2.73 -2.62 4.70
N TRP A 246 -3.67 -3.47 5.08
CA TRP A 246 -3.70 -3.94 6.45
C TRP A 246 -2.39 -4.61 6.85
N ASN A 247 -1.90 -5.51 5.99
CA ASN A 247 -0.64 -6.17 6.23
C ASN A 247 0.51 -5.20 6.46
N GLN A 248 0.52 -4.11 5.71
CA GLN A 248 1.55 -3.12 5.87
C GLN A 248 1.41 -2.44 7.23
N GLN A 249 0.17 -2.14 7.64
CA GLN A 249 -0.05 -1.58 8.98
C GLN A 249 0.53 -2.49 10.04
N VAL A 250 0.23 -3.77 9.93
CA VAL A 250 0.73 -4.77 10.86
C VAL A 250 2.25 -4.70 10.93
N THR A 251 2.89 -4.72 9.75
CA THR A 251 4.32 -4.62 9.67
C THR A 251 4.85 -3.41 10.43
N GLN A 252 4.19 -2.25 10.28
CA GLN A 252 4.68 -1.08 11.00
C GLN A 252 4.56 -1.27 12.50
N MET A 253 3.36 -1.63 12.96
CA MET A 253 3.16 -1.90 14.38
C MET A 253 4.20 -2.89 14.90
N ALA A 254 4.32 -4.04 14.24
CA ALA A 254 5.30 -5.03 14.62
C ALA A 254 6.68 -4.43 14.75
N LEU A 255 7.15 -3.82 13.67
CA LEU A 255 8.54 -3.42 13.60
C LEU A 255 8.89 -2.26 14.53
N TRP A 256 7.94 -1.35 14.72
CA TRP A 256 8.17 -0.25 15.63
C TRP A 256 8.35 -0.76 17.07
N ALA A 257 7.72 -1.90 17.38
CA ALA A 257 7.88 -2.54 18.69
C ALA A 257 9.25 -3.17 18.80
N ILE A 258 9.63 -3.94 17.79
CA ILE A 258 10.98 -4.50 17.68
C ILE A 258 12.06 -3.43 17.78
N MET A 259 11.82 -2.27 17.18
CA MET A 259 12.84 -1.24 17.12
C MET A 259 12.86 -0.35 18.35
N ALA A 260 12.01 -0.67 19.32
CA ALA A 260 11.85 0.16 20.50
C ALA A 260 11.68 1.62 20.10
N ALA A 261 10.84 1.88 19.10
CA ALA A 261 10.64 3.24 18.60
C ALA A 261 9.69 3.99 19.51
N PRO A 262 9.82 5.33 19.56
CA PRO A 262 8.73 6.08 20.19
C PRO A 262 7.47 5.77 19.40
N LEU A 263 6.30 5.86 20.02
CA LEU A 263 5.08 5.59 19.27
C LEU A 263 4.22 6.84 19.20
N PHE A 264 4.43 7.60 18.14
CA PHE A 264 3.59 8.76 17.91
C PHE A 264 2.65 8.48 16.77
N MET A 265 1.38 8.28 17.08
CA MET A 265 0.40 8.10 16.03
C MET A 265 0.24 9.42 15.32
N SER A 266 0.09 9.37 14.02
CA SER A 266 -0.35 10.53 13.26
C SER A 266 -1.53 10.08 12.45
N ASN A 267 -2.71 10.49 12.86
CA ASN A 267 -3.93 10.04 12.25
C ASN A 267 -5.08 10.89 12.73
N ASP A 268 -6.29 10.56 12.27
CA ASP A 268 -7.45 11.25 12.77
C ASP A 268 -8.13 10.37 13.77
N LEU A 269 -7.99 10.67 15.06
CA LEU A 269 -8.64 9.86 16.10
C LEU A 269 -10.16 9.93 16.04
N ARG A 270 -10.66 10.92 15.30
CA ARG A 270 -12.10 11.09 15.14
C ARG A 270 -12.68 10.08 14.18
N HIS A 271 -11.88 9.67 13.20
CA HIS A 271 -12.33 8.74 12.18
C HIS A 271 -11.31 7.65 11.96
N ILE A 272 -11.30 6.67 12.84
CA ILE A 272 -10.30 5.63 12.76
C ILE A 272 -10.97 4.26 12.91
N SER A 273 -10.66 3.38 11.96
CA SER A 273 -11.31 2.09 11.87
C SER A 273 -11.09 1.24 13.12
N PRO A 274 -12.12 0.50 13.54
CA PRO A 274 -12.02 -0.40 14.69
C PRO A 274 -10.77 -1.28 14.66
N GLN A 275 -10.36 -1.77 13.49
CA GLN A 275 -9.12 -2.53 13.34
C GLN A 275 -7.89 -1.75 13.71
N ALA A 276 -7.75 -0.58 13.11
CA ALA A 276 -6.58 0.26 13.32
C ALA A 276 -6.45 0.49 14.83
N LYS A 277 -7.54 0.95 15.42
CA LYS A 277 -7.60 1.19 16.84
C LYS A 277 -7.11 -0.05 17.61
N ALA A 278 -7.58 -1.22 17.20
CA ALA A 278 -7.25 -2.47 17.87
C ALA A 278 -5.76 -2.80 17.79
N LEU A 279 -5.19 -2.57 16.61
CA LEU A 279 -3.80 -2.85 16.34
C LEU A 279 -2.91 -1.89 17.12
N LEU A 280 -3.22 -0.61 17.00
CA LEU A 280 -2.48 0.44 17.68
C LEU A 280 -2.63 0.39 19.20
N GLN A 281 -3.72 -0.20 19.67
CA GLN A 281 -3.92 -0.34 21.11
C GLN A 281 -3.58 -1.75 21.57
N ASP A 282 -3.03 -2.55 20.65
CA ASP A 282 -2.68 -3.94 20.97
C ASP A 282 -1.73 -3.98 22.15
N LYS A 283 -2.23 -4.53 23.25
CA LYS A 283 -1.58 -4.49 24.53
C LYS A 283 -0.35 -5.39 24.64
N ASP A 284 -0.34 -6.53 23.95
CA ASP A 284 0.86 -7.37 23.94
C ASP A 284 2.01 -6.77 23.10
N VAL A 285 1.67 -6.17 21.97
CA VAL A 285 2.63 -5.50 21.11
C VAL A 285 3.20 -4.28 21.80
N ILE A 286 2.31 -3.45 22.35
CA ILE A 286 2.73 -2.25 23.09
C ILE A 286 3.67 -2.65 24.23
N ALA A 287 3.37 -3.75 24.90
CA ALA A 287 4.23 -4.25 25.97
C ALA A 287 5.63 -4.53 25.44
N ILE A 288 5.71 -5.12 24.25
CA ILE A 288 7.00 -5.40 23.64
C ILE A 288 7.77 -4.11 23.35
N ASN A 289 7.12 -3.17 22.69
CA ASN A 289 7.68 -1.84 22.55
C ASN A 289 8.17 -1.31 23.89
N GLN A 290 7.31 -1.35 24.88
CA GLN A 290 7.57 -0.73 26.16
C GLN A 290 8.35 -1.61 27.12
N ASP A 291 8.89 -2.71 26.62
CA ASP A 291 9.66 -3.62 27.47
C ASP A 291 10.65 -2.83 28.31
N PRO A 292 10.67 -3.07 29.64
CA PRO A 292 11.47 -2.25 30.54
C PRO A 292 12.98 -2.44 30.37
N LEU A 293 13.43 -3.56 29.80
CA LEU A 293 14.86 -3.72 29.57
C LEU A 293 15.37 -2.59 28.66
N GLY A 294 14.53 -2.21 27.69
CA GLY A 294 14.82 -1.09 26.80
C GLY A 294 15.95 -1.33 25.82
N LYS A 295 16.00 -2.56 25.29
CA LYS A 295 17.04 -3.01 24.39
C LYS A 295 16.43 -3.06 23.00
N GLN A 296 16.89 -2.19 22.10
CA GLN A 296 16.34 -2.14 20.74
C GLN A 296 16.68 -3.40 19.93
N GLY A 297 15.73 -3.90 19.14
CA GLY A 297 15.97 -5.10 18.32
C GLY A 297 16.76 -4.81 17.07
N TYR A 298 16.88 -5.81 16.20
CA TYR A 298 17.68 -5.72 14.98
C TYR A 298 17.22 -6.72 13.95
N GLN A 299 17.63 -6.51 12.70
CA GLN A 299 17.46 -7.52 11.68
C GLN A 299 18.45 -8.65 11.96
N LEU A 300 17.94 -9.86 12.08
CA LEU A 300 18.77 -11.02 12.31
C LEU A 300 19.33 -11.55 11.01
N ARG A 301 18.47 -11.69 10.01
CA ARG A 301 18.87 -12.19 8.70
C ARG A 301 17.80 -11.87 7.69
N GLN A 302 18.16 -11.99 6.41
CA GLN A 302 17.25 -11.65 5.31
C GLN A 302 17.63 -12.44 4.07
N GLY A 303 16.65 -12.70 3.21
CA GLY A 303 16.93 -13.34 1.93
C GLY A 303 15.71 -14.02 1.41
N ASP A 304 15.64 -14.18 0.10
CA ASP A 304 14.51 -14.82 -0.53
C ASP A 304 13.26 -13.99 -0.19
N ASN A 305 13.48 -12.69 -0.06
CA ASN A 305 12.42 -11.75 0.28
C ASN A 305 11.72 -12.03 1.60
N PHE A 306 12.46 -12.64 2.52
CA PHE A 306 12.01 -12.72 3.89
C PHE A 306 12.99 -11.91 4.73
N GLU A 307 12.55 -11.42 5.87
CA GLU A 307 13.42 -10.80 6.86
C GLU A 307 13.03 -11.35 8.22
N VAL A 308 14.03 -11.62 9.06
CA VAL A 308 13.75 -11.96 10.45
C VAL A 308 14.39 -10.90 11.32
N TRP A 309 13.59 -10.30 12.20
CA TRP A 309 14.12 -9.36 13.17
C TRP A 309 13.81 -9.94 14.52
N GLU A 310 14.63 -9.59 15.50
CA GLU A 310 14.42 -10.06 16.85
C GLU A 310 14.86 -9.01 17.86
N ARG A 311 14.28 -9.07 19.05
CA ARG A 311 14.56 -8.08 20.08
C ARG A 311 14.60 -8.75 21.45
N PRO A 312 15.71 -8.53 22.18
CA PRO A 312 15.76 -9.08 23.54
C PRO A 312 14.83 -8.33 24.48
N LEU A 313 14.08 -9.07 25.28
CA LEU A 313 13.16 -8.48 26.25
C LEU A 313 13.61 -8.88 27.63
N SER A 314 13.18 -8.09 28.61
CA SER A 314 13.36 -8.44 30.01
C SER A 314 12.80 -9.81 30.29
N GLY A 315 13.32 -10.46 31.32
CA GLY A 315 12.89 -11.81 31.65
C GLY A 315 13.50 -12.80 30.69
N LEU A 316 14.56 -12.38 30.00
CA LEU A 316 15.25 -13.22 29.02
C LEU A 316 14.27 -13.76 27.97
N ALA A 317 13.20 -13.02 27.72
CA ALA A 317 12.27 -13.34 26.67
C ALA A 317 12.75 -12.67 25.39
N TRP A 318 12.08 -12.94 24.28
CA TRP A 318 12.45 -12.37 22.98
C TRP A 318 11.26 -12.10 22.09
N ALA A 319 11.28 -10.95 21.41
CA ALA A 319 10.36 -10.69 20.32
C ALA A 319 11.00 -11.10 19.00
N VAL A 320 10.22 -11.76 18.15
CA VAL A 320 10.68 -12.12 16.80
C VAL A 320 9.65 -11.73 15.75
N ALA A 321 10.12 -10.96 14.76
CA ALA A 321 9.30 -10.49 13.66
C ALA A 321 9.75 -11.12 12.35
N MET A 322 8.82 -11.66 11.59
CA MET A 322 9.14 -12.23 10.29
C MET A 322 8.37 -11.52 9.21
N ILE A 323 9.07 -10.85 8.31
CA ILE A 323 8.43 -10.01 7.29
C ILE A 323 8.48 -10.67 5.93
N ASN A 324 7.32 -10.85 5.30
CA ASN A 324 7.32 -11.36 3.94
C ASN A 324 7.41 -10.21 2.94
N ARG A 325 8.59 -10.01 2.37
CA ARG A 325 8.83 -8.85 1.53
C ARG A 325 8.41 -9.06 0.09
N GLN A 326 8.04 -10.28 -0.25
CA GLN A 326 7.63 -10.57 -1.61
C GLN A 326 6.24 -10.03 -1.89
N GLU A 327 6.14 -9.11 -2.85
CA GLU A 327 4.89 -8.38 -3.11
C GLU A 327 4.01 -8.96 -4.24
N ILE A 328 4.04 -10.28 -4.37
CA ILE A 328 3.26 -11.00 -5.35
C ILE A 328 2.86 -12.37 -4.79
N GLY A 329 1.68 -12.83 -5.14
CA GLY A 329 1.24 -14.15 -4.74
C GLY A 329 0.44 -14.14 -3.46
N GLY A 330 0.57 -15.23 -2.69
CA GLY A 330 -0.21 -15.38 -1.48
C GLY A 330 0.67 -15.55 -0.26
N PRO A 331 0.08 -16.01 0.87
CA PRO A 331 0.81 -16.24 2.08
C PRO A 331 1.92 -17.22 1.77
N ARG A 332 3.12 -16.89 2.20
CA ARG A 332 4.29 -17.65 1.82
C ARG A 332 4.82 -18.37 3.03
N SER A 333 5.12 -19.66 2.89
CA SER A 333 5.58 -20.44 4.02
C SER A 333 7.04 -20.13 4.37
N TYR A 334 7.33 -19.90 5.64
CA TYR A 334 8.70 -19.63 6.09
C TYR A 334 9.07 -20.53 7.25
N THR A 335 10.29 -21.06 7.24
CA THR A 335 10.72 -21.97 8.28
C THR A 335 12.06 -21.58 8.84
N ILE A 336 12.12 -21.44 10.17
CA ILE A 336 13.39 -21.17 10.84
C ILE A 336 13.60 -22.14 12.01
N ALA A 337 14.85 -22.53 12.22
CA ALA A 337 15.23 -23.30 13.41
C ALA A 337 15.25 -22.35 14.61
N VAL A 338 14.47 -22.70 15.62
CA VAL A 338 14.41 -21.90 16.84
C VAL A 338 15.82 -21.71 17.44
N ALA A 339 16.75 -22.59 17.06
CA ALA A 339 18.13 -22.48 17.54
C ALA A 339 18.80 -21.18 17.12
N SER A 340 18.43 -20.66 15.94
CA SER A 340 18.99 -19.42 15.41
C SER A 340 18.52 -18.18 16.17
N LEU A 341 17.38 -18.30 16.83
CA LEU A 341 16.73 -17.17 17.50
C LEU A 341 17.33 -16.86 18.87
N GLY A 342 17.38 -15.58 19.21
CA GLY A 342 17.86 -15.14 20.51
C GLY A 342 19.28 -15.62 20.77
N LYS A 343 20.14 -15.41 19.78
CA LYS A 343 21.52 -15.92 19.81
C LYS A 343 21.61 -17.27 20.54
N GLY A 344 20.80 -18.22 20.11
CA GLY A 344 20.82 -19.59 20.64
C GLY A 344 20.48 -19.78 22.09
N VAL A 345 19.88 -18.79 22.73
CA VAL A 345 19.58 -18.94 24.15
C VAL A 345 18.08 -18.98 24.35
N ALA A 346 17.39 -18.23 23.48
CA ALA A 346 15.95 -18.04 23.58
C ALA A 346 15.24 -19.37 23.76
N CYS A 347 15.67 -20.38 23.00
CA CYS A 347 14.98 -21.66 22.99
C CYS A 347 15.80 -22.85 23.51
N ASN A 348 16.75 -22.58 24.41
CA ASN A 348 17.56 -23.63 25.02
C ASN A 348 17.23 -23.78 26.50
N PRO A 349 16.75 -24.96 26.93
CA PRO A 349 16.46 -26.24 26.26
C PRO A 349 15.19 -26.20 25.40
N ALA A 350 14.35 -25.20 25.63
CA ALA A 350 13.12 -25.00 24.88
C ALA A 350 12.66 -23.57 25.04
N CYS A 351 11.62 -23.20 24.30
CA CYS A 351 10.96 -21.91 24.48
C CYS A 351 9.50 -22.06 24.13
N PHE A 352 8.65 -21.34 24.86
CA PHE A 352 7.25 -21.28 24.50
C PHE A 352 7.03 -20.11 23.54
N ILE A 353 6.38 -20.39 22.41
CA ILE A 353 6.14 -19.35 21.43
C ILE A 353 4.70 -18.91 21.35
N THR A 354 4.48 -17.63 21.57
CA THR A 354 3.20 -17.04 21.32
C THR A 354 3.29 -16.13 20.07
N GLN A 355 2.37 -16.35 19.14
CA GLN A 355 2.20 -15.41 18.06
C GLN A 355 1.39 -14.25 18.59
N LEU A 356 1.79 -13.04 18.21
CA LEU A 356 1.08 -11.83 18.62
C LEU A 356 0.36 -11.18 17.46
N LEU A 357 0.98 -11.21 16.28
CA LEU A 357 0.37 -10.70 15.07
C LEU A 357 0.63 -11.69 13.93
N PRO A 358 -0.25 -11.71 12.92
CA PRO A 358 -1.37 -10.80 12.74
C PRO A 358 -2.50 -11.06 13.73
N VAL A 359 -2.53 -12.24 14.33
CA VAL A 359 -3.49 -12.53 15.38
C VAL A 359 -2.75 -13.13 16.55
N LYS A 360 -3.32 -13.01 17.74
CA LYS A 360 -2.74 -13.63 18.91
C LYS A 360 -3.08 -15.09 18.90
N ARG A 361 -2.07 -15.94 19.04
CA ARG A 361 -2.26 -17.39 19.13
C ARG A 361 -1.09 -18.10 19.78
N LYS A 362 -1.39 -18.92 20.77
CA LYS A 362 -0.35 -19.69 21.43
C LYS A 362 0.07 -20.85 20.52
N LEU A 363 1.37 -21.01 20.32
CA LEU A 363 1.90 -22.03 19.41
C LEU A 363 2.65 -23.14 20.17
N GLY A 364 2.72 -23.02 21.49
CA GLY A 364 3.28 -24.09 22.33
C GLY A 364 4.78 -24.14 22.46
N PHE A 365 5.28 -25.30 22.90
CA PHE A 365 6.69 -25.49 23.22
C PHE A 365 7.52 -25.97 22.03
N TYR A 366 8.68 -25.35 21.84
CA TYR A 366 9.63 -25.75 20.79
C TYR A 366 10.96 -26.07 21.45
N GLU A 367 11.38 -27.34 21.36
CA GLU A 367 12.69 -27.73 21.85
C GLU A 367 13.72 -27.03 21.03
N TRP A 368 14.92 -26.90 21.58
CA TRP A 368 15.92 -26.07 20.94
C TRP A 368 16.31 -26.59 19.52
N THR A 369 16.11 -27.88 19.28
CA THR A 369 16.48 -28.47 17.98
C THR A 369 15.42 -28.35 16.89
N SER A 370 14.22 -27.89 17.27
CA SER A 370 13.05 -27.91 16.39
C SER A 370 13.01 -26.73 15.44
N ARG A 371 12.02 -26.76 14.56
CA ARG A 371 11.85 -25.71 13.57
C ARG A 371 10.45 -25.14 13.70
N LEU A 372 10.33 -23.85 13.40
CA LEU A 372 9.06 -23.20 13.41
C LEU A 372 8.67 -22.87 11.99
N ARG A 373 7.47 -23.30 11.61
CA ARG A 373 6.94 -22.98 10.30
C ARG A 373 5.85 -21.92 10.43
N SER A 374 5.94 -20.89 9.59
CA SER A 374 4.91 -19.87 9.51
C SER A 374 4.48 -19.67 8.07
N HIS A 375 3.31 -19.05 7.92
CA HIS A 375 2.87 -18.54 6.65
C HIS A 375 2.67 -17.06 6.85
N ILE A 376 3.30 -16.24 6.02
CA ILE A 376 3.30 -14.79 6.21
C ILE A 376 2.79 -14.12 4.95
N ASN A 377 1.77 -13.27 5.10
CA ASN A 377 1.21 -12.57 3.95
C ASN A 377 2.18 -11.59 3.31
N PRO A 378 2.06 -11.44 1.98
CA PRO A 378 2.86 -10.45 1.25
C PRO A 378 2.72 -9.08 1.91
N THR A 379 3.87 -8.47 2.23
CA THR A 379 3.99 -7.22 2.98
C THR A 379 3.56 -7.28 4.44
N GLY A 380 3.18 -8.47 4.91
CA GLY A 380 2.79 -8.64 6.29
C GLY A 380 3.94 -9.05 7.16
N THR A 381 3.66 -9.19 8.45
CA THR A 381 4.65 -9.63 9.44
C THR A 381 3.99 -10.52 10.46
N VAL A 382 4.69 -11.56 10.84
CA VAL A 382 4.30 -12.39 11.98
C VAL A 382 5.15 -11.95 13.16
N LEU A 383 4.51 -11.49 14.23
CA LEU A 383 5.23 -11.14 15.44
C LEU A 383 5.11 -12.24 16.48
N LEU A 384 6.23 -12.55 17.12
CA LEU A 384 6.30 -13.67 18.05
C LEU A 384 6.92 -13.27 19.37
N GLN A 385 6.45 -13.91 20.43
CA GLN A 385 7.09 -13.78 21.72
C GLN A 385 7.61 -15.16 22.12
N LEU A 386 8.90 -15.22 22.48
CA LEU A 386 9.50 -16.46 22.94
C LEU A 386 9.77 -16.35 24.42
N GLU A 387 9.31 -17.34 25.15
CA GLU A 387 9.49 -17.47 26.59
C GLU A 387 10.44 -18.64 26.77
N ASN A 388 11.61 -18.44 27.39
CA ASN A 388 12.50 -19.57 27.66
C ASN A 388 11.90 -20.45 28.77
N THR A 389 11.76 -21.75 28.52
CA THR A 389 11.06 -22.66 29.45
C THR A 389 11.66 -22.68 30.85
N MET A 390 12.96 -22.45 30.92
CA MET A 390 13.71 -22.40 32.17
C MET A 390 13.22 -21.26 33.08
N GLN A 391 13.22 -20.05 32.54
CA GLN A 391 12.83 -18.87 33.32
C GLN A 391 11.33 -18.94 33.68
N MET A 392 10.55 -19.60 32.83
CA MET A 392 9.11 -19.76 33.06
C MET A 392 8.86 -20.44 34.40
N SER A 393 9.46 -21.63 34.57
CA SER A 393 9.31 -22.41 35.79
C SER A 393 9.58 -21.56 37.04
N LEU A 394 10.57 -20.67 36.95
CA LEU A 394 10.87 -19.72 38.04
C LEU A 394 9.72 -18.73 38.29
N LYS A 395 8.72 -19.19 39.05
CA LYS A 395 7.55 -18.40 39.46
C LYS A 395 6.84 -17.70 38.30
N LEU B 1 -8.97 -7.76 -33.18
CA LEU B 1 -8.99 -8.99 -34.02
C LEU B 1 -10.41 -9.24 -34.46
N ASP B 2 -10.60 -9.57 -35.74
CA ASP B 2 -11.97 -9.67 -36.26
C ASP B 2 -12.57 -11.08 -36.17
N ASN B 3 -12.64 -11.60 -34.95
CA ASN B 3 -13.17 -12.93 -34.72
C ASN B 3 -14.50 -12.86 -34.00
N GLY B 4 -15.07 -11.66 -33.93
CA GLY B 4 -16.37 -11.45 -33.34
C GLY B 4 -16.34 -11.45 -31.83
N LEU B 5 -15.17 -11.70 -31.25
CA LEU B 5 -15.04 -11.82 -29.79
C LEU B 5 -14.62 -10.51 -29.13
N ALA B 6 -14.82 -10.44 -27.81
CA ALA B 6 -14.38 -9.30 -26.99
C ALA B 6 -14.88 -7.97 -27.54
N ARG B 7 -16.16 -7.93 -27.88
CA ARG B 7 -16.81 -6.69 -28.33
C ARG B 7 -16.86 -5.67 -27.21
N THR B 8 -16.78 -6.18 -25.98
CA THR B 8 -16.52 -5.37 -24.79
C THR B 8 -15.33 -6.07 -24.12
N PRO B 9 -14.60 -5.35 -23.26
CA PRO B 9 -13.44 -5.99 -22.64
C PRO B 9 -13.82 -7.28 -21.91
N THR B 10 -13.01 -8.31 -22.12
CA THR B 10 -13.23 -9.63 -21.55
C THR B 10 -13.16 -9.58 -20.03
N MET B 11 -14.10 -10.24 -19.37
CA MET B 11 -14.05 -10.32 -17.93
C MET B 11 -13.86 -11.75 -17.43
N GLY B 12 -13.18 -11.89 -16.31
CA GLY B 12 -12.99 -13.21 -15.75
C GLY B 12 -12.02 -13.22 -14.61
N TRP B 13 -11.36 -14.36 -14.49
CA TRP B 13 -10.50 -14.66 -13.37
C TRP B 13 -9.32 -15.44 -13.89
N LEU B 14 -8.14 -15.09 -13.36
CA LEU B 14 -6.88 -15.63 -13.83
C LEU B 14 -6.02 -15.88 -12.58
N HIS B 15 -5.40 -17.05 -12.51
CA HIS B 15 -4.82 -17.53 -11.25
C HIS B 15 -3.53 -16.84 -10.83
N TRP B 16 -2.84 -16.26 -11.82
CA TRP B 16 -1.41 -15.97 -11.67
C TRP B 16 -1.01 -15.11 -10.47
N GLU B 17 -1.51 -13.89 -10.39
CA GLU B 17 -0.98 -12.98 -9.40
C GLU B 17 -1.17 -13.59 -8.02
N ARG B 18 -2.40 -13.99 -7.74
CA ARG B 18 -2.74 -14.61 -6.49
C ARG B 18 -1.92 -15.87 -6.21
N PHE B 19 -1.86 -16.77 -7.18
CA PHE B 19 -1.41 -18.14 -6.93
C PHE B 19 -0.07 -18.55 -7.51
N MET B 20 0.33 -17.88 -8.59
CA MET B 20 1.65 -18.01 -9.20
C MET B 20 1.94 -19.42 -9.71
N CYS B 21 3.18 -19.87 -9.54
CA CYS B 21 3.60 -21.18 -10.05
C CYS B 21 3.77 -22.19 -8.93
N ASN B 22 2.78 -22.25 -8.05
CA ASN B 22 2.86 -23.09 -6.86
C ASN B 22 2.60 -24.56 -7.18
N LEU B 23 3.66 -25.35 -7.19
CA LEU B 23 3.60 -26.76 -7.63
C LEU B 23 3.59 -27.74 -6.48
N ASP B 24 3.47 -27.23 -5.27
CA ASP B 24 3.55 -28.06 -4.07
C ASP B 24 2.15 -28.42 -3.55
N CYS B 25 1.58 -29.50 -4.08
CA CYS B 25 0.24 -29.93 -3.69
C CYS B 25 0.26 -30.79 -2.44
N GLN B 26 1.46 -31.22 -2.09
CA GLN B 26 1.67 -32.01 -0.92
C GLN B 26 1.64 -31.11 0.31
N GLU B 27 2.48 -30.07 0.33
CA GLU B 27 2.52 -29.13 1.44
C GLU B 27 1.42 -28.08 1.37
N GLU B 28 0.83 -27.90 0.19
CA GLU B 28 -0.07 -26.78 -0.03
C GLU B 28 -1.17 -27.16 -1.00
N PRO B 29 -1.94 -28.19 -0.65
CA PRO B 29 -2.98 -28.68 -1.57
C PRO B 29 -4.02 -27.62 -1.97
N ASP B 30 -4.22 -26.59 -1.15
CA ASP B 30 -5.30 -25.62 -1.38
C ASP B 30 -4.91 -24.45 -2.25
N SER B 31 -3.63 -24.34 -2.60
CA SER B 31 -3.15 -23.19 -3.34
C SER B 31 -2.05 -23.55 -4.33
N CYS B 32 -1.79 -24.84 -4.50
CA CYS B 32 -0.99 -25.29 -5.62
C CYS B 32 -1.88 -25.30 -6.85
N ILE B 33 -1.26 -25.19 -8.01
CA ILE B 33 -1.99 -25.07 -9.27
C ILE B 33 -2.51 -26.43 -9.70
N SER B 34 -3.80 -26.64 -9.52
CA SER B 34 -4.42 -27.95 -9.77
C SER B 34 -5.84 -27.82 -10.33
N GLU B 35 -6.34 -28.90 -10.93
CA GLU B 35 -7.71 -28.95 -11.45
C GLU B 35 -8.70 -28.65 -10.34
N LYS B 36 -8.33 -28.99 -9.11
CA LYS B 36 -9.15 -28.73 -7.94
C LYS B 36 -9.30 -27.21 -7.72
N LEU B 37 -8.19 -26.49 -7.79
CA LEU B 37 -8.21 -25.03 -7.64
C LEU B 37 -9.25 -24.40 -8.57
N PHE B 38 -9.17 -24.77 -9.85
CA PHE B 38 -10.00 -24.17 -10.87
C PHE B 38 -11.46 -24.55 -10.76
N MET B 39 -11.71 -25.77 -10.30
CA MET B 39 -13.07 -26.24 -10.13
C MET B 39 -13.77 -25.48 -9.01
N GLU B 40 -13.06 -25.31 -7.89
CA GLU B 40 -13.55 -24.50 -6.77
C GLU B 40 -13.89 -23.10 -7.21
N MET B 41 -12.96 -22.44 -7.92
CA MET B 41 -13.19 -21.09 -8.41
C MET B 41 -14.41 -21.06 -9.32
N ALA B 42 -14.56 -22.11 -10.14
CA ALA B 42 -15.63 -22.18 -11.11
C ALA B 42 -16.98 -22.24 -10.40
N GLU B 43 -17.09 -23.04 -9.33
CA GLU B 43 -18.32 -23.11 -8.56
C GLU B 43 -18.63 -21.75 -7.97
N LEU B 44 -17.63 -21.15 -7.34
CA LEU B 44 -17.78 -19.85 -6.71
C LEU B 44 -18.08 -18.72 -7.70
N MET B 45 -17.50 -18.79 -8.89
CA MET B 45 -17.83 -17.81 -9.91
C MET B 45 -19.34 -17.80 -10.16
N VAL B 46 -19.95 -18.98 -10.06
CA VAL B 46 -21.41 -19.06 -10.16
C VAL B 46 -22.09 -18.72 -8.82
N SER B 47 -21.78 -19.47 -7.78
CA SER B 47 -22.49 -19.34 -6.51
C SER B 47 -22.35 -17.95 -5.86
N GLU B 48 -21.29 -17.23 -6.17
CA GLU B 48 -21.04 -15.94 -5.54
C GLU B 48 -21.40 -14.74 -6.42
N GLY B 49 -22.00 -15.00 -7.57
CA GLY B 49 -22.54 -13.95 -8.43
C GLY B 49 -21.54 -13.28 -9.34
N TRP B 50 -20.32 -13.83 -9.37
CA TRP B 50 -19.27 -13.35 -10.27
C TRP B 50 -19.70 -13.48 -11.74
N LYS B 51 -20.28 -14.63 -12.08
CA LYS B 51 -20.78 -14.86 -13.42
C LYS B 51 -21.82 -13.81 -13.76
N ASP B 52 -22.72 -13.54 -12.82
CA ASP B 52 -23.78 -12.55 -13.08
C ASP B 52 -23.27 -11.15 -13.25
N ALA B 53 -22.20 -10.78 -12.56
CA ALA B 53 -21.64 -9.44 -12.72
C ALA B 53 -20.96 -9.31 -14.08
N GLY B 54 -20.61 -10.45 -14.67
CA GLY B 54 -20.02 -10.48 -16.00
C GLY B 54 -18.72 -11.25 -16.08
N TYR B 55 -18.23 -11.71 -14.95
CA TYR B 55 -16.98 -12.47 -14.95
C TYR B 55 -17.26 -13.85 -15.48
N GLU B 56 -16.85 -14.12 -16.71
CA GLU B 56 -17.19 -15.42 -17.27
C GLU B 56 -16.05 -16.34 -17.74
N TYR B 57 -14.85 -15.78 -17.91
CA TYR B 57 -13.69 -16.56 -18.28
C TYR B 57 -12.90 -17.02 -17.07
N LEU B 58 -12.86 -18.32 -16.84
CA LEU B 58 -11.99 -18.91 -15.83
C LEU B 58 -10.66 -19.29 -16.48
N CYS B 59 -9.59 -18.58 -16.14
CA CYS B 59 -8.35 -18.73 -16.89
C CYS B 59 -7.20 -19.38 -16.13
N ILE B 60 -6.64 -20.43 -16.71
CA ILE B 60 -5.41 -21.03 -16.22
C ILE B 60 -4.23 -20.24 -16.78
N ASP B 61 -3.32 -19.85 -15.90
CA ASP B 61 -2.10 -19.18 -16.31
C ASP B 61 -0.99 -20.23 -16.43
N ASP B 62 0.26 -19.82 -16.24
CA ASP B 62 1.43 -20.69 -16.38
C ASP B 62 1.45 -21.84 -15.36
N CYS B 63 2.21 -22.89 -15.69
CA CYS B 63 2.45 -24.05 -14.81
C CYS B 63 1.27 -25.01 -14.65
N TRP B 64 0.48 -25.14 -15.70
CA TRP B 64 -0.53 -26.17 -15.79
C TRP B 64 0.03 -27.40 -16.53
N MET B 65 1.03 -27.17 -17.38
CA MET B 65 1.54 -28.26 -18.18
C MET B 65 2.55 -29.15 -17.49
N ALA B 66 2.62 -30.39 -17.96
CA ALA B 66 3.71 -31.29 -17.61
C ALA B 66 5.03 -30.82 -18.26
N PRO B 67 6.18 -31.36 -17.80
CA PRO B 67 7.44 -30.80 -18.27
C PRO B 67 7.77 -31.11 -19.74
N GLN B 68 7.10 -32.09 -20.37
CA GLN B 68 7.24 -32.32 -21.82
C GLN B 68 5.97 -32.56 -22.57
N ARG B 69 6.08 -32.43 -23.88
CA ARG B 69 5.05 -32.88 -24.78
C ARG B 69 4.99 -34.40 -24.79
N ASP B 70 3.80 -34.97 -24.94
CA ASP B 70 3.67 -36.40 -25.08
C ASP B 70 4.37 -36.87 -26.36
N SER B 71 4.30 -38.17 -26.69
CA SER B 71 4.96 -38.70 -27.88
C SER B 71 4.44 -38.05 -29.18
N GLU B 72 3.15 -37.71 -29.20
CA GLU B 72 2.58 -37.00 -30.33
C GLU B 72 2.91 -35.51 -30.32
N GLY B 73 3.96 -35.14 -29.59
CA GLY B 73 4.39 -33.77 -29.43
C GLY B 73 3.35 -32.77 -28.95
N ARG B 74 2.39 -33.25 -28.15
CA ARG B 74 1.33 -32.37 -27.60
C ARG B 74 1.72 -31.89 -26.21
N LEU B 75 1.33 -30.65 -25.89
CA LEU B 75 1.40 -30.19 -24.51
C LEU B 75 0.48 -31.06 -23.66
N GLN B 76 0.92 -31.40 -22.45
CA GLN B 76 0.09 -32.19 -21.55
C GLN B 76 -0.16 -31.48 -20.24
N ALA B 77 -1.37 -31.64 -19.70
CA ALA B 77 -1.67 -31.19 -18.35
C ALA B 77 -0.77 -31.97 -17.42
N ASP B 78 -0.28 -31.33 -16.36
CA ASP B 78 0.51 -32.08 -15.39
C ASP B 78 -0.32 -33.26 -14.94
N PRO B 79 0.26 -34.47 -15.00
CA PRO B 79 -0.50 -35.68 -14.67
C PRO B 79 -0.97 -35.73 -13.21
N GLN B 80 -0.15 -35.26 -12.27
CA GLN B 80 -0.53 -35.23 -10.86
C GLN B 80 -1.53 -34.13 -10.55
N ARG B 81 -1.34 -32.96 -11.14
CA ARG B 81 -2.10 -31.79 -10.72
C ARG B 81 -3.34 -31.57 -11.58
N PHE B 82 -3.34 -32.19 -12.77
CA PHE B 82 -4.52 -32.17 -13.61
C PHE B 82 -4.80 -33.61 -14.06
N PRO B 83 -5.06 -34.53 -13.10
CA PRO B 83 -5.27 -35.93 -13.45
C PRO B 83 -6.38 -36.18 -14.48
N HIS B 84 -7.46 -35.41 -14.46
CA HIS B 84 -8.55 -35.64 -15.41
C HIS B 84 -8.37 -34.86 -16.71
N GLY B 85 -7.23 -34.18 -16.83
CA GLY B 85 -6.91 -33.44 -18.03
C GLY B 85 -7.75 -32.19 -18.22
N ILE B 86 -7.40 -31.46 -19.27
CA ILE B 86 -8.01 -30.18 -19.55
C ILE B 86 -9.41 -30.36 -20.12
N ARG B 87 -9.56 -31.34 -21.02
CA ARG B 87 -10.84 -31.67 -21.61
C ARG B 87 -11.94 -31.69 -20.56
N GLN B 88 -11.76 -32.52 -19.53
CA GLN B 88 -12.79 -32.67 -18.50
C GLN B 88 -13.05 -31.39 -17.73
N LEU B 89 -11.95 -30.70 -17.39
CA LEU B 89 -12.01 -29.38 -16.77
C LEU B 89 -12.77 -28.37 -17.61
N ALA B 90 -12.52 -28.34 -18.92
CA ALA B 90 -13.26 -27.45 -19.81
C ALA B 90 -14.74 -27.80 -19.76
N ASN B 91 -15.02 -29.10 -19.70
CA ASN B 91 -16.39 -29.58 -19.66
C ASN B 91 -17.06 -29.07 -18.39
N TYR B 92 -16.39 -29.30 -17.27
CA TYR B 92 -16.86 -28.81 -16.01
C TYR B 92 -17.22 -27.33 -16.08
N VAL B 93 -16.25 -26.52 -16.46
CA VAL B 93 -16.43 -25.08 -16.60
C VAL B 93 -17.62 -24.72 -17.49
N HIS B 94 -17.70 -25.38 -18.65
CA HIS B 94 -18.81 -25.16 -19.57
C HIS B 94 -20.17 -25.50 -18.96
N SER B 95 -20.21 -26.56 -18.16
CA SER B 95 -21.45 -26.93 -17.48
C SER B 95 -21.90 -25.85 -16.53
N LYS B 96 -20.97 -25.06 -16.01
CA LYS B 96 -21.35 -23.95 -15.14
C LYS B 96 -21.82 -22.73 -15.92
N GLY B 97 -21.62 -22.75 -17.24
CA GLY B 97 -21.98 -21.62 -18.10
C GLY B 97 -20.81 -20.65 -18.23
N LEU B 98 -19.64 -21.11 -17.79
CA LEU B 98 -18.44 -20.31 -17.84
C LEU B 98 -17.62 -20.81 -18.99
N LYS B 99 -16.56 -20.07 -19.35
CA LYS B 99 -15.63 -20.52 -20.38
C LYS B 99 -14.25 -20.72 -19.79
N LEU B 100 -13.43 -21.51 -20.48
CA LEU B 100 -12.09 -21.83 -20.01
C LEU B 100 -11.00 -21.06 -20.77
N GLY B 101 -10.06 -20.51 -20.00
CA GLY B 101 -8.87 -19.88 -20.55
C GLY B 101 -7.64 -20.71 -20.24
N ILE B 102 -6.66 -20.66 -21.12
CA ILE B 102 -5.43 -21.39 -20.89
C ILE B 102 -4.26 -20.53 -21.32
N TYR B 103 -3.05 -21.02 -21.02
CA TYR B 103 -1.84 -20.23 -21.14
C TYR B 103 -0.78 -20.98 -21.94
N ALA B 104 -0.20 -20.29 -22.91
CA ALA B 104 0.91 -20.82 -23.70
C ALA B 104 1.92 -19.72 -23.92
N ASP B 105 3.03 -20.08 -24.55
CA ASP B 105 4.10 -19.12 -24.79
C ASP B 105 4.64 -19.20 -26.22
N VAL B 106 4.87 -18.04 -26.82
CA VAL B 106 5.28 -17.95 -28.23
C VAL B 106 6.69 -18.47 -28.47
N GLY B 107 7.51 -18.44 -27.42
CA GLY B 107 8.87 -18.92 -27.53
C GLY B 107 9.06 -20.39 -27.18
N ASN B 108 10.32 -20.76 -26.94
CA ASN B 108 10.72 -22.14 -26.68
C ASN B 108 10.24 -22.62 -25.32
N LYS B 109 9.99 -21.67 -24.40
CA LYS B 109 9.49 -22.02 -23.09
C LYS B 109 8.55 -20.97 -22.54
N THR B 110 7.60 -21.39 -21.70
CA THR B 110 6.81 -20.46 -20.90
C THR B 110 7.74 -19.78 -19.93
N CYS B 111 7.31 -18.65 -19.37
CA CYS B 111 8.14 -17.90 -18.45
C CYS B 111 8.62 -18.73 -17.28
N ALA B 112 7.76 -19.60 -16.75
CA ALA B 112 8.12 -20.50 -15.65
C ALA B 112 9.07 -21.64 -16.04
N GLY B 113 9.25 -21.89 -17.34
CA GLY B 113 10.21 -22.91 -17.81
C GLY B 113 9.62 -24.14 -18.48
N PHE B 114 8.30 -24.14 -18.64
CA PHE B 114 7.59 -25.25 -19.26
C PHE B 114 7.57 -25.13 -20.78
N PRO B 115 7.15 -26.20 -21.49
CA PRO B 115 7.16 -26.21 -22.95
C PRO B 115 6.50 -25.00 -23.63
N GLY B 116 7.31 -24.33 -24.46
CA GLY B 116 6.81 -23.27 -25.30
C GLY B 116 6.12 -23.84 -26.51
N SER B 117 5.49 -22.96 -27.27
CA SER B 117 4.76 -23.39 -28.43
C SER B 117 5.53 -23.19 -29.72
N PHE B 118 6.75 -22.66 -29.63
CA PHE B 118 7.55 -22.46 -30.84
C PHE B 118 7.79 -23.79 -31.55
N GLY B 119 7.42 -23.84 -32.83
CA GLY B 119 7.42 -25.09 -33.59
C GLY B 119 6.20 -25.97 -33.39
N TYR B 120 5.22 -25.51 -32.61
CA TYR B 120 4.03 -26.34 -32.34
C TYR B 120 2.74 -25.57 -32.40
N TYR B 121 2.78 -24.41 -33.03
CA TYR B 121 1.64 -23.51 -33.02
C TYR B 121 0.33 -24.19 -33.47
N ASP B 122 0.38 -24.89 -34.59
CA ASP B 122 -0.79 -25.54 -35.14
C ASP B 122 -1.24 -26.67 -34.24
N ILE B 123 -0.30 -27.54 -33.88
CA ILE B 123 -0.58 -28.62 -32.95
C ILE B 123 -1.24 -28.08 -31.71
N ASP B 124 -0.64 -27.03 -31.15
CA ASP B 124 -1.13 -26.48 -29.91
C ASP B 124 -2.50 -25.82 -30.08
N ALA B 125 -2.67 -25.03 -31.15
CA ALA B 125 -3.97 -24.43 -31.45
C ALA B 125 -5.01 -25.53 -31.54
N GLN B 126 -4.71 -26.56 -32.33
CA GLN B 126 -5.60 -27.70 -32.46
C GLN B 126 -5.84 -28.40 -31.12
N THR B 127 -4.80 -28.55 -30.31
CA THR B 127 -4.97 -29.22 -29.04
C THR B 127 -5.94 -28.47 -28.16
N PHE B 128 -5.78 -27.14 -28.12
CA PHE B 128 -6.65 -26.33 -27.29
C PHE B 128 -8.08 -26.43 -27.78
N ALA B 129 -8.28 -26.18 -29.08
CA ALA B 129 -9.62 -26.15 -29.69
C ALA B 129 -10.33 -27.48 -29.48
N ASP B 130 -9.59 -28.57 -29.62
CA ASP B 130 -10.11 -29.91 -29.34
C ASP B 130 -10.72 -29.94 -27.95
N TRP B 131 -9.88 -29.67 -26.94
CA TRP B 131 -10.26 -29.67 -25.53
C TRP B 131 -11.48 -28.81 -25.20
N GLY B 132 -11.65 -27.71 -25.94
CA GLY B 132 -12.79 -26.83 -25.75
C GLY B 132 -12.41 -25.53 -25.08
N VAL B 133 -11.11 -25.23 -25.07
CA VAL B 133 -10.58 -23.93 -24.64
C VAL B 133 -11.28 -22.77 -25.36
N ASP B 134 -11.51 -21.67 -24.65
CA ASP B 134 -12.22 -20.54 -25.21
C ASP B 134 -11.39 -19.27 -25.21
N LEU B 135 -10.24 -19.34 -24.55
CA LEU B 135 -9.37 -18.18 -24.46
C LEU B 135 -7.94 -18.63 -24.31
N LEU B 136 -7.04 -17.93 -24.99
CA LEU B 136 -5.63 -18.20 -24.88
C LEU B 136 -4.86 -16.93 -24.55
N LYS B 137 -4.14 -16.97 -23.43
CA LYS B 137 -3.14 -15.98 -23.10
C LYS B 137 -1.83 -16.52 -23.65
N PHE B 138 -1.21 -15.73 -24.52
CA PHE B 138 -0.02 -16.15 -25.23
C PHE B 138 1.11 -15.22 -24.84
N ASP B 139 2.06 -15.77 -24.08
CA ASP B 139 3.12 -14.99 -23.45
C ASP B 139 4.35 -14.85 -24.37
N GLY B 140 5.23 -13.91 -24.04
CA GLY B 140 6.39 -13.60 -24.89
C GLY B 140 7.75 -14.16 -24.48
N CYS B 141 7.83 -14.79 -23.32
CA CYS B 141 9.11 -15.36 -22.83
C CYS B 141 9.88 -16.24 -23.81
N TYR B 142 11.20 -16.29 -23.63
CA TYR B 142 12.12 -17.15 -24.41
C TYR B 142 11.91 -17.10 -25.90
N CYS B 143 12.04 -15.88 -26.44
CA CYS B 143 12.03 -15.66 -27.86
C CYS B 143 13.38 -15.04 -28.23
N ASP B 144 14.04 -15.61 -29.24
CA ASP B 144 15.39 -15.18 -29.63
C ASP B 144 15.45 -13.82 -30.33
N SER B 145 14.42 -13.47 -31.10
CA SER B 145 14.41 -12.22 -31.84
C SER B 145 13.01 -11.65 -31.94
N LEU B 146 12.92 -10.38 -32.34
CA LEU B 146 11.63 -9.72 -32.46
C LEU B 146 10.90 -10.13 -33.72
N GLU B 147 11.66 -10.46 -34.75
CA GLU B 147 11.11 -11.10 -35.93
C GLU B 147 10.30 -12.31 -35.57
N ASN B 148 10.93 -13.19 -34.81
CA ASN B 148 10.29 -14.41 -34.35
C ASN B 148 9.08 -14.07 -33.52
N LEU B 149 9.29 -13.24 -32.50
CA LEU B 149 8.20 -12.77 -31.67
C LEU B 149 6.97 -12.43 -32.49
N ALA B 150 7.13 -11.49 -33.41
CA ALA B 150 6.03 -11.03 -34.27
C ALA B 150 5.41 -12.19 -35.05
N ASP B 151 6.25 -13.09 -35.56
CA ASP B 151 5.76 -14.20 -36.37
C ASP B 151 4.92 -15.16 -35.55
N GLY B 152 5.52 -15.66 -34.47
CA GLY B 152 4.86 -16.61 -33.60
C GLY B 152 3.46 -16.12 -33.22
N TYR B 153 3.39 -14.86 -32.85
CA TYR B 153 2.12 -14.24 -32.52
C TYR B 153 1.11 -14.24 -33.67
N LYS B 154 1.57 -13.84 -34.87
CA LYS B 154 0.70 -13.87 -36.05
C LYS B 154 0.30 -15.29 -36.46
N HIS B 155 1.24 -16.22 -36.34
CA HIS B 155 1.00 -17.61 -36.70
C HIS B 155 -0.07 -18.19 -35.77
N MET B 156 0.11 -18.05 -34.46
CA MET B 156 -0.86 -18.62 -33.51
C MET B 156 -2.24 -18.04 -33.73
N SER B 157 -2.26 -16.75 -34.08
CA SER B 157 -3.49 -16.05 -34.42
C SER B 157 -4.24 -16.74 -35.56
N LEU B 158 -3.54 -17.09 -36.62
CA LEU B 158 -4.15 -17.78 -37.75
C LEU B 158 -4.46 -19.23 -37.39
N ALA B 159 -3.49 -19.90 -36.76
CA ALA B 159 -3.64 -21.30 -36.34
C ALA B 159 -4.93 -21.47 -35.54
N LEU B 160 -5.12 -20.61 -34.54
CA LEU B 160 -6.36 -20.56 -33.77
C LEU B 160 -7.59 -20.39 -34.66
N ASN B 161 -7.53 -19.40 -35.56
CA ASN B 161 -8.60 -19.10 -36.51
C ASN B 161 -8.96 -20.34 -37.32
N ARG B 162 -7.93 -21.02 -37.81
CA ARG B 162 -8.10 -22.21 -38.63
C ARG B 162 -8.79 -23.36 -37.90
N THR B 163 -8.63 -23.48 -36.58
CA THR B 163 -9.36 -24.52 -35.83
C THR B 163 -10.88 -24.33 -35.92
N GLY B 164 -11.29 -23.13 -36.30
CA GLY B 164 -12.71 -22.81 -36.44
C GLY B 164 -13.45 -22.53 -35.15
N ARG B 165 -12.76 -22.64 -34.01
CA ARG B 165 -13.37 -22.39 -32.71
C ARG B 165 -13.16 -20.95 -32.27
N SER B 166 -14.19 -20.37 -31.66
CA SER B 166 -14.03 -19.06 -31.03
C SER B 166 -13.09 -19.20 -29.84
N ILE B 167 -11.99 -18.45 -29.88
CA ILE B 167 -11.05 -18.40 -28.79
C ILE B 167 -10.57 -16.94 -28.64
N VAL B 168 -10.80 -16.35 -27.49
CA VAL B 168 -10.25 -15.03 -27.22
C VAL B 168 -8.74 -15.20 -27.23
N TYR B 169 -8.06 -14.34 -27.99
CA TYR B 169 -6.61 -14.40 -28.15
C TYR B 169 -5.94 -13.22 -27.47
N SER B 170 -5.16 -13.52 -26.44
CA SER B 170 -4.53 -12.50 -25.62
C SER B 170 -3.02 -12.50 -25.85
N CYS B 171 -2.47 -11.40 -26.36
CA CYS B 171 -1.06 -11.44 -26.74
C CYS B 171 -0.20 -10.45 -25.97
N SER B 172 0.89 -10.93 -25.39
CA SER B 172 1.82 -10.06 -24.65
C SER B 172 2.85 -9.46 -25.58
N TRP B 173 2.59 -9.61 -26.87
CA TRP B 173 3.40 -9.06 -27.96
C TRP B 173 3.95 -7.66 -27.63
N PRO B 174 3.06 -6.67 -27.40
CA PRO B 174 3.58 -5.31 -27.28
C PRO B 174 4.51 -5.13 -26.09
N ALA B 175 4.24 -5.84 -25.00
CA ALA B 175 5.05 -5.73 -23.79
C ALA B 175 6.49 -6.19 -24.00
N TYR B 176 6.68 -7.22 -24.82
CA TYR B 176 8.02 -7.73 -25.08
C TYR B 176 8.74 -6.98 -26.19
N MET B 177 8.03 -6.05 -26.79
CA MET B 177 8.57 -5.20 -27.80
C MET B 177 9.17 -3.98 -27.14
N TRP B 178 8.41 -3.40 -26.22
CA TRP B 178 8.78 -2.12 -25.64
C TRP B 178 10.25 -1.99 -25.23
N PRO B 179 10.82 -3.05 -24.60
CA PRO B 179 12.26 -3.06 -24.40
C PRO B 179 13.10 -2.80 -25.66
N PHE B 180 12.82 -3.47 -26.77
CA PHE B 180 13.59 -3.23 -27.98
C PHE B 180 13.09 -2.04 -28.80
N GLN B 181 11.78 -1.96 -29.08
CA GLN B 181 11.25 -0.93 -29.98
C GLN B 181 9.75 -0.64 -29.89
N LYS B 182 9.32 0.44 -30.56
CA LYS B 182 7.91 0.83 -30.63
C LYS B 182 7.07 -0.19 -31.40
N PRO B 183 6.05 -0.76 -30.75
CA PRO B 183 5.20 -1.78 -31.36
C PRO B 183 4.18 -1.19 -32.32
N ASN B 184 3.88 -1.92 -33.38
CA ASN B 184 2.85 -1.51 -34.32
C ASN B 184 1.50 -2.03 -33.85
N TYR B 185 0.71 -1.15 -33.25
CA TYR B 185 -0.60 -1.54 -32.72
C TYR B 185 -1.64 -1.85 -33.78
N THR B 186 -1.57 -1.18 -34.93
CA THR B 186 -2.42 -1.52 -36.08
C THR B 186 -2.29 -3.01 -36.39
N GLU B 187 -1.05 -3.46 -36.45
CA GLU B 187 -0.68 -4.84 -36.72
C GLU B 187 -1.16 -5.75 -35.59
N ILE B 188 -0.84 -5.35 -34.36
CA ILE B 188 -1.20 -6.12 -33.17
C ILE B 188 -2.71 -6.25 -33.11
N ARG B 189 -3.40 -5.14 -33.35
CA ARG B 189 -4.85 -5.10 -33.25
C ARG B 189 -5.51 -6.08 -34.23
N GLN B 190 -4.89 -6.26 -35.38
CA GLN B 190 -5.37 -7.17 -36.40
C GLN B 190 -5.39 -8.62 -35.91
N TYR B 191 -4.36 -9.02 -35.18
CA TYR B 191 -4.19 -10.41 -34.79
C TYR B 191 -4.66 -10.74 -33.37
N CYS B 192 -4.78 -9.72 -32.53
CA CYS B 192 -5.07 -9.93 -31.12
C CYS B 192 -6.38 -9.30 -30.63
N ASN B 193 -7.05 -9.97 -29.69
CA ASN B 193 -8.24 -9.42 -29.00
C ASN B 193 -7.86 -8.48 -27.88
N HIS B 194 -6.85 -8.86 -27.10
CA HIS B 194 -6.18 -7.89 -26.25
C HIS B 194 -4.70 -8.14 -26.12
N TRP B 195 -4.00 -7.15 -25.60
CA TRP B 195 -2.56 -7.18 -25.55
C TRP B 195 -1.98 -6.52 -24.30
N ARG B 196 -1.07 -7.22 -23.66
CA ARG B 196 -0.35 -6.71 -22.50
C ARG B 196 0.68 -5.71 -22.97
N ASN B 197 0.62 -4.49 -22.43
CA ASN B 197 1.54 -3.44 -22.85
C ASN B 197 2.75 -3.38 -21.96
N PHE B 198 2.54 -3.71 -20.69
CA PHE B 198 3.48 -3.33 -19.67
C PHE B 198 3.93 -4.50 -18.85
N ALA B 199 4.86 -4.19 -17.95
CA ALA B 199 5.37 -5.08 -16.94
C ALA B 199 4.23 -5.67 -16.12
N ASP B 200 4.53 -6.83 -15.54
CA ASP B 200 3.61 -7.60 -14.71
C ASP B 200 3.12 -6.82 -13.51
N ILE B 201 1.81 -6.85 -13.28
CA ILE B 201 1.26 -6.24 -12.08
C ILE B 201 1.69 -7.11 -10.88
N ASP B 202 1.63 -6.52 -9.69
CA ASP B 202 1.67 -7.33 -8.48
C ASP B 202 0.83 -6.67 -7.39
N ASP B 203 0.90 -7.23 -6.18
CA ASP B 203 0.04 -6.81 -5.11
C ASP B 203 0.58 -5.53 -4.43
N SER B 204 0.77 -4.46 -5.21
CA SER B 204 1.32 -3.24 -4.67
C SER B 204 0.78 -1.99 -5.35
N TRP B 205 0.66 -0.92 -4.56
CA TRP B 205 0.26 0.38 -5.07
C TRP B 205 1.35 0.90 -5.97
N LYS B 206 2.60 0.60 -5.62
CA LYS B 206 3.74 0.93 -6.44
C LYS B 206 3.49 0.44 -7.88
N SER B 207 3.03 -0.79 -8.03
CA SER B 207 2.89 -1.34 -9.36
C SER B 207 1.70 -0.74 -10.12
N ILE B 208 0.57 -0.56 -9.44
CA ILE B 208 -0.60 0.10 -10.04
C ILE B 208 -0.19 1.44 -10.64
N LYS B 209 0.41 2.29 -9.79
CA LYS B 209 0.86 3.62 -10.21
C LYS B 209 1.77 3.55 -11.41
N SER B 210 2.72 2.63 -11.37
CA SER B 210 3.64 2.48 -12.44
C SER B 210 2.86 2.18 -13.74
N ILE B 211 1.83 1.34 -13.63
CA ILE B 211 0.96 1.04 -14.78
C ILE B 211 0.16 2.26 -15.25
N LEU B 212 -0.54 2.92 -14.32
CA LEU B 212 -1.28 4.13 -14.66
C LEU B 212 -0.37 5.15 -15.36
N ASP B 213 0.82 5.35 -14.80
CA ASP B 213 1.75 6.33 -15.32
C ASP B 213 2.29 5.94 -16.67
N TRP B 214 2.64 4.66 -16.83
CA TRP B 214 3.20 4.23 -18.09
C TRP B 214 2.18 4.48 -19.21
N THR B 215 0.94 4.07 -18.94
CA THR B 215 -0.18 4.25 -19.85
C THR B 215 -0.39 5.73 -20.21
N SER B 216 -0.62 6.57 -19.20
CA SER B 216 -0.84 8.00 -19.43
C SER B 216 0.30 8.60 -20.23
N PHE B 217 1.53 8.22 -19.90
CA PHE B 217 2.68 8.67 -20.66
C PHE B 217 2.57 8.30 -22.14
N ASN B 218 2.14 7.07 -22.41
CA ASN B 218 2.10 6.54 -23.78
C ASN B 218 0.74 6.63 -24.44
N GLN B 219 -0.17 7.40 -23.85
CA GLN B 219 -1.56 7.33 -24.27
C GLN B 219 -1.81 7.72 -25.73
N GLU B 220 -0.93 8.57 -26.25
CA GLU B 220 -1.00 8.99 -27.64
C GLU B 220 -0.95 7.84 -28.65
N ARG B 221 -0.05 6.89 -28.42
CA ARG B 221 0.08 5.77 -29.32
C ARG B 221 -1.01 4.73 -29.12
N ILE B 222 -1.57 4.63 -27.89
CA ILE B 222 -2.39 3.46 -27.54
C ILE B 222 -3.87 3.62 -27.28
N VAL B 223 -4.32 4.80 -26.88
CA VAL B 223 -5.71 4.91 -26.50
C VAL B 223 -6.65 4.66 -27.67
N ASP B 224 -6.34 5.26 -28.82
CA ASP B 224 -7.23 5.21 -29.98
C ASP B 224 -7.26 3.90 -30.74
N VAL B 225 -6.28 3.04 -30.53
CA VAL B 225 -6.27 1.76 -31.22
C VAL B 225 -7.30 0.83 -30.58
N ALA B 226 -7.55 1.10 -29.30
CA ALA B 226 -8.42 0.26 -28.50
C ALA B 226 -9.85 0.44 -28.92
N GLY B 227 -10.58 -0.66 -28.99
CA GLY B 227 -12.00 -0.63 -29.28
C GLY B 227 -12.57 -2.02 -29.28
N PRO B 228 -13.88 -2.16 -29.58
CA PRO B 228 -14.50 -3.49 -29.68
C PRO B 228 -13.61 -4.49 -30.44
N GLY B 229 -13.41 -5.66 -29.86
CA GLY B 229 -12.58 -6.69 -30.47
C GLY B 229 -11.08 -6.53 -30.30
N GLY B 230 -10.63 -5.41 -29.74
CA GLY B 230 -9.20 -5.17 -29.54
C GLY B 230 -8.91 -4.20 -28.40
N TRP B 231 -8.36 -4.72 -27.30
CA TRP B 231 -8.15 -3.93 -26.07
C TRP B 231 -6.71 -3.87 -25.55
N ASN B 232 -6.38 -2.73 -24.94
CA ASN B 232 -5.19 -2.58 -24.12
C ASN B 232 -5.35 -3.31 -22.80
N ASP B 233 -4.39 -4.16 -22.45
CA ASP B 233 -4.44 -4.93 -21.21
C ASP B 233 -3.40 -4.44 -20.20
N PRO B 234 -3.86 -3.68 -19.19
CA PRO B 234 -2.99 -3.22 -18.10
C PRO B 234 -2.86 -4.26 -16.98
N ASP B 235 -3.26 -5.50 -17.26
CA ASP B 235 -3.04 -6.64 -16.36
C ASP B 235 -4.12 -6.80 -15.28
N MET B 236 -3.99 -7.87 -14.50
CA MET B 236 -4.98 -8.32 -13.54
C MET B 236 -5.40 -7.31 -12.49
N LEU B 237 -6.68 -7.35 -12.13
CA LEU B 237 -7.15 -6.67 -10.95
C LEU B 237 -6.65 -7.46 -9.76
N VAL B 238 -6.03 -6.76 -8.82
CA VAL B 238 -5.40 -7.40 -7.66
C VAL B 238 -6.15 -7.06 -6.38
N ILE B 239 -7.26 -6.34 -6.55
CA ILE B 239 -8.24 -6.03 -5.50
C ILE B 239 -8.59 -7.28 -4.71
N GLY B 240 -8.66 -7.15 -3.39
CA GLY B 240 -9.13 -8.26 -2.56
C GLY B 240 -8.04 -9.19 -2.04
N ASN B 241 -6.79 -8.78 -2.24
CA ASN B 241 -5.65 -9.59 -1.82
C ASN B 241 -4.95 -9.13 -0.52
N PHE B 242 -3.76 -8.53 -0.62
CA PHE B 242 -2.92 -8.25 0.57
C PHE B 242 -2.20 -6.90 0.62
N GLY B 243 -1.77 -6.43 -0.55
CA GLY B 243 -0.87 -5.28 -0.61
C GLY B 243 -1.48 -3.93 -0.93
N LEU B 244 -2.81 -3.85 -1.04
CA LEU B 244 -3.48 -2.59 -1.36
C LEU B 244 -4.39 -2.09 -0.26
N SER B 245 -4.28 -0.80 0.04
CA SER B 245 -5.23 -0.15 0.91
C SER B 245 -6.56 -0.05 0.16
N TRP B 246 -7.64 0.18 0.91
CA TRP B 246 -8.95 0.21 0.31
C TRP B 246 -8.97 1.27 -0.78
N ASN B 247 -8.44 2.45 -0.47
CA ASN B 247 -8.38 3.54 -1.44
C ASN B 247 -7.65 3.16 -2.74
N GLN B 248 -6.59 2.39 -2.60
CA GLN B 248 -5.86 1.92 -3.77
C GLN B 248 -6.68 0.93 -4.58
N GLN B 249 -7.37 0.01 -3.90
CA GLN B 249 -8.28 -0.89 -4.58
C GLN B 249 -9.30 -0.10 -5.41
N VAL B 250 -9.92 0.88 -4.77
CA VAL B 250 -10.87 1.76 -5.42
C VAL B 250 -10.24 2.36 -6.67
N THR B 251 -9.05 2.92 -6.52
CA THR B 251 -8.32 3.48 -7.64
C THR B 251 -8.15 2.49 -8.79
N GLN B 252 -7.83 1.23 -8.48
CA GLN B 252 -7.69 0.26 -9.56
C GLN B 252 -9.00 -0.01 -10.25
N MET B 253 -10.04 -0.33 -9.48
CA MET B 253 -11.37 -0.54 -10.06
C MET B 253 -11.79 0.64 -10.93
N ALA B 254 -11.65 1.84 -10.40
CA ALA B 254 -12.02 3.04 -11.14
C ALA B 254 -11.27 3.10 -12.45
N LEU B 255 -9.95 3.01 -12.37
CA LEU B 255 -9.14 3.32 -13.52
C LEU B 255 -9.20 2.26 -14.61
N TRP B 256 -9.33 1.00 -14.20
CA TRP B 256 -9.48 -0.08 -15.17
C TRP B 256 -10.78 0.10 -15.96
N ALA B 257 -11.78 0.75 -15.35
CA ALA B 257 -13.03 1.03 -16.04
C ALA B 257 -12.81 2.14 -17.06
N ILE B 258 -12.18 3.22 -16.61
CA ILE B 258 -11.79 4.34 -17.47
C ILE B 258 -10.96 3.85 -18.64
N MET B 259 -10.06 2.92 -18.36
CA MET B 259 -9.11 2.46 -19.38
C MET B 259 -9.68 1.40 -20.31
N ALA B 260 -10.95 1.05 -20.12
CA ALA B 260 -11.58 -0.05 -20.87
C ALA B 260 -10.68 -1.27 -20.89
N ALA B 261 -10.10 -1.60 -19.74
CA ALA B 261 -9.22 -2.76 -19.61
C ALA B 261 -10.04 -4.03 -19.53
N PRO B 262 -9.45 -5.16 -19.98
CA PRO B 262 -10.08 -6.43 -19.63
C PRO B 262 -10.13 -6.53 -18.13
N LEU B 263 -11.08 -7.26 -17.58
CA LEU B 263 -11.13 -7.38 -16.12
C LEU B 263 -10.87 -8.81 -15.69
N PHE B 264 -9.61 -9.12 -15.42
CA PHE B 264 -9.28 -10.44 -14.92
C PHE B 264 -8.88 -10.34 -13.48
N MET B 265 -9.78 -10.77 -12.60
CA MET B 265 -9.44 -10.78 -11.20
C MET B 265 -8.39 -11.85 -10.96
N SER B 266 -7.44 -11.55 -10.10
CA SER B 266 -6.50 -12.55 -9.64
C SER B 266 -6.55 -12.48 -8.15
N ASN B 267 -7.24 -13.43 -7.54
CA ASN B 267 -7.47 -13.43 -6.11
C ASN B 267 -7.97 -14.79 -5.68
N ASP B 268 -8.22 -14.94 -4.38
CA ASP B 268 -8.79 -16.17 -3.91
C ASP B 268 -10.30 -15.99 -3.71
N LEU B 269 -11.11 -16.52 -4.62
CA LEU B 269 -12.55 -16.33 -4.51
C LEU B 269 -13.14 -17.02 -3.29
N ARG B 270 -12.37 -17.94 -2.71
CA ARG B 270 -12.77 -18.66 -1.53
C ARG B 270 -12.68 -17.79 -0.31
N HIS B 271 -11.77 -16.83 -0.31
CA HIS B 271 -11.57 -16.00 0.87
C HIS B 271 -11.43 -14.56 0.45
N ILE B 272 -12.55 -13.92 0.19
CA ILE B 272 -12.52 -12.55 -0.31
C ILE B 272 -13.52 -11.68 0.45
N SER B 273 -13.02 -10.56 0.94
CA SER B 273 -13.79 -9.71 1.83
C SER B 273 -15.07 -9.18 1.17
N PRO B 274 -16.17 -9.11 1.94
CA PRO B 274 -17.42 -8.61 1.42
C PRO B 274 -17.25 -7.33 0.62
N GLN B 275 -16.36 -6.46 1.09
CA GLN B 275 -16.09 -5.19 0.45
C GLN B 275 -15.47 -5.31 -0.93
N ALA B 276 -14.43 -6.12 -1.01
CA ALA B 276 -13.74 -6.41 -2.26
C ALA B 276 -14.76 -6.91 -3.26
N LYS B 277 -15.48 -7.95 -2.86
CA LYS B 277 -16.53 -8.52 -3.68
C LYS B 277 -17.44 -7.41 -4.22
N ALA B 278 -17.82 -6.49 -3.34
CA ALA B 278 -18.82 -5.48 -3.67
C ALA B 278 -18.29 -4.52 -4.71
N LEU B 279 -17.01 -4.17 -4.55
CA LEU B 279 -16.32 -3.25 -5.44
C LEU B 279 -16.12 -3.87 -6.80
N LEU B 280 -15.61 -5.10 -6.80
CA LEU B 280 -15.36 -5.85 -8.01
C LEU B 280 -16.64 -6.21 -8.74
N GLN B 281 -17.74 -6.35 -8.00
CA GLN B 281 -19.03 -6.66 -8.62
C GLN B 281 -19.88 -5.41 -8.81
N ASP B 282 -19.29 -4.25 -8.52
CA ASP B 282 -20.00 -2.98 -8.63
C ASP B 282 -20.56 -2.78 -10.02
N LYS B 283 -21.89 -2.74 -10.11
CA LYS B 283 -22.53 -2.87 -11.42
C LYS B 283 -22.55 -1.57 -12.23
N ASP B 284 -22.46 -0.43 -11.57
CA ASP B 284 -22.30 0.83 -12.29
C ASP B 284 -20.89 1.04 -12.87
N VAL B 285 -19.87 0.61 -12.10
CA VAL B 285 -18.50 0.67 -12.54
C VAL B 285 -18.23 -0.30 -13.69
N ILE B 286 -18.70 -1.53 -13.52
CA ILE B 286 -18.58 -2.57 -14.55
C ILE B 286 -19.26 -2.12 -15.84
N ALA B 287 -20.41 -1.46 -15.71
CA ALA B 287 -21.10 -0.88 -16.84
C ALA B 287 -20.21 0.09 -17.60
N ILE B 288 -19.46 0.91 -16.87
CA ILE B 288 -18.56 1.88 -17.48
C ILE B 288 -17.45 1.18 -18.22
N ASN B 289 -16.78 0.24 -17.55
CA ASN B 289 -15.85 -0.62 -18.24
C ASN B 289 -16.50 -1.17 -19.51
N GLN B 290 -17.66 -1.78 -19.35
CA GLN B 290 -18.30 -2.52 -20.43
C GLN B 290 -19.12 -1.65 -21.36
N ASP B 291 -18.96 -0.34 -21.27
CA ASP B 291 -19.71 0.56 -22.13
C ASP B 291 -19.58 0.10 -23.58
N PRO B 292 -20.72 0.02 -24.28
CA PRO B 292 -20.73 -0.55 -25.63
C PRO B 292 -20.02 0.31 -26.69
N LEU B 293 -19.90 1.61 -26.46
CA LEU B 293 -19.18 2.43 -27.41
C LEU B 293 -17.74 1.93 -27.54
N GLY B 294 -17.17 1.46 -26.44
CA GLY B 294 -15.84 0.83 -26.42
C GLY B 294 -14.71 1.80 -26.72
N LYS B 295 -14.86 3.04 -26.28
CA LYS B 295 -13.82 4.05 -26.36
C LYS B 295 -13.02 4.09 -25.07
N GLN B 296 -11.74 3.77 -25.13
CA GLN B 296 -10.87 3.84 -23.95
C GLN B 296 -10.68 5.30 -23.51
N GLY B 297 -10.66 5.53 -22.21
CA GLY B 297 -10.45 6.86 -21.66
C GLY B 297 -8.98 7.21 -21.63
N TYR B 298 -8.68 8.39 -21.08
CA TYR B 298 -7.32 8.92 -21.11
C TYR B 298 -7.15 9.80 -19.90
N GLN B 299 -5.89 10.13 -19.60
CA GLN B 299 -5.58 11.20 -18.68
C GLN B 299 -5.87 12.54 -19.37
N LEU B 300 -6.66 13.37 -18.69
CA LEU B 300 -7.03 14.67 -19.21
C LEU B 300 -5.98 15.70 -18.82
N ARG B 301 -5.57 15.66 -17.56
CA ARG B 301 -4.57 16.58 -17.06
C ARG B 301 -4.04 16.06 -15.74
N GLN B 302 -2.91 16.62 -15.31
CA GLN B 302 -2.26 16.22 -14.07
C GLN B 302 -1.42 17.37 -13.51
N GLY B 303 -1.22 17.37 -12.21
CA GLY B 303 -0.38 18.37 -11.58
C GLY B 303 -0.77 18.59 -10.14
N ASP B 304 0.19 19.06 -9.34
CA ASP B 304 -0.07 19.24 -7.92
C ASP B 304 -0.50 17.90 -7.30
N ASN B 305 0.03 16.82 -7.86
CA ASN B 305 -0.28 15.47 -7.42
C ASN B 305 -1.76 15.10 -7.52
N PHE B 306 -2.44 15.72 -8.46
CA PHE B 306 -3.77 15.29 -8.85
C PHE B 306 -3.71 14.83 -10.30
N GLU B 307 -4.56 13.87 -10.66
CA GLU B 307 -4.77 13.49 -12.06
C GLU B 307 -6.26 13.47 -12.35
N VAL B 308 -6.62 13.92 -13.53
CA VAL B 308 -7.99 13.77 -13.99
C VAL B 308 -7.99 12.90 -15.22
N TRP B 309 -8.76 11.81 -15.16
CA TRP B 309 -8.94 10.98 -16.34
C TRP B 309 -10.41 11.05 -16.70
N GLU B 310 -10.71 10.83 -17.97
CA GLU B 310 -12.09 10.83 -18.43
C GLU B 310 -12.27 9.87 -19.60
N ARG B 311 -13.49 9.38 -19.76
CA ARG B 311 -13.78 8.43 -20.81
C ARG B 311 -15.14 8.70 -21.41
N PRO B 312 -15.21 8.81 -22.74
CA PRO B 312 -16.51 8.97 -23.39
C PRO B 312 -17.32 7.68 -23.31
N LEU B 313 -18.59 7.81 -22.96
CA LEU B 313 -19.53 6.68 -22.89
C LEU B 313 -20.63 6.93 -23.89
N SER B 314 -21.32 5.87 -24.30
CA SER B 314 -22.49 5.99 -25.16
C SER B 314 -23.61 6.78 -24.47
N GLY B 315 -24.53 7.32 -25.28
CA GLY B 315 -25.58 8.20 -24.78
C GLY B 315 -25.03 9.57 -24.42
N LEU B 316 -23.95 9.97 -25.08
CA LEU B 316 -23.23 11.21 -24.77
C LEU B 316 -23.00 11.41 -23.27
N ALA B 317 -22.61 10.32 -22.59
CA ALA B 317 -22.27 10.43 -21.19
C ALA B 317 -20.76 10.36 -21.06
N TRP B 318 -20.27 10.60 -19.85
CA TRP B 318 -18.83 10.56 -19.58
C TRP B 318 -18.52 10.00 -18.20
N ALA B 319 -17.44 9.23 -18.13
CA ALA B 319 -16.85 8.84 -16.86
C ALA B 319 -15.69 9.78 -16.57
N VAL B 320 -15.61 10.26 -15.33
CA VAL B 320 -14.48 11.06 -14.90
C VAL B 320 -13.87 10.52 -13.60
N ALA B 321 -12.56 10.30 -13.64
CA ALA B 321 -11.79 9.80 -12.50
C ALA B 321 -10.82 10.86 -12.01
N MET B 322 -10.84 11.13 -10.71
CA MET B 322 -9.90 12.06 -10.11
C MET B 322 -9.05 11.37 -9.06
N ILE B 323 -7.75 11.30 -9.31
CA ILE B 323 -6.82 10.56 -8.45
C ILE B 323 -5.97 11.49 -7.60
N ASN B 324 -5.99 11.29 -6.30
CA ASN B 324 -5.12 12.05 -5.42
C ASN B 324 -3.78 11.32 -5.24
N ARG B 325 -2.76 11.80 -5.93
CA ARG B 325 -1.47 11.12 -5.96
C ARG B 325 -0.56 11.45 -4.80
N GLN B 326 -0.95 12.43 -4.00
CA GLN B 326 -0.15 12.83 -2.85
C GLN B 326 -0.28 11.84 -1.72
N GLU B 327 0.83 11.23 -1.34
CA GLU B 327 0.80 10.12 -0.38
C GLU B 327 1.09 10.50 1.07
N ILE B 328 0.65 11.70 1.44
CA ILE B 328 0.83 12.23 2.79
C ILE B 328 -0.35 13.12 3.16
N GLY B 329 -0.74 13.09 4.42
CA GLY B 329 -1.82 13.95 4.90
C GLY B 329 -3.17 13.29 4.80
N GLY B 330 -4.20 14.10 4.54
CA GLY B 330 -5.57 13.61 4.53
C GLY B 330 -6.27 13.87 3.22
N PRO B 331 -7.61 13.74 3.20
CA PRO B 331 -8.39 13.97 1.99
C PRO B 331 -8.09 15.36 1.53
N ARG B 332 -7.86 15.52 0.24
CA ARG B 332 -7.35 16.77 -0.30
C ARG B 332 -8.38 17.34 -1.24
N SER B 333 -8.68 18.62 -1.09
CA SER B 333 -9.78 19.15 -1.87
C SER B 333 -9.33 19.46 -3.28
N TYR B 334 -10.14 19.10 -4.26
CA TYR B 334 -9.81 19.35 -5.66
C TYR B 334 -10.98 20.01 -6.36
N THR B 335 -10.69 21.00 -7.19
CA THR B 335 -11.75 21.72 -7.88
C THR B 335 -11.50 21.84 -9.38
N ILE B 336 -12.50 21.44 -10.16
CA ILE B 336 -12.39 21.57 -11.61
C ILE B 336 -13.64 22.19 -12.19
N ALA B 337 -13.46 22.99 -13.24
CA ALA B 337 -14.58 23.55 -13.99
C ALA B 337 -15.13 22.45 -14.88
N VAL B 338 -16.42 22.18 -14.72
CA VAL B 338 -17.08 21.13 -15.51
C VAL B 338 -16.94 21.44 -17.01
N ALA B 339 -16.63 22.69 -17.34
CA ALA B 339 -16.39 23.08 -18.72
C ALA B 339 -15.21 22.34 -19.36
N SER B 340 -14.19 22.05 -18.56
CA SER B 340 -13.02 21.32 -19.04
C SER B 340 -13.32 19.86 -19.37
N LEU B 341 -14.39 19.32 -18.77
CA LEU B 341 -14.70 17.90 -18.91
C LEU B 341 -15.46 17.56 -20.18
N GLY B 342 -15.13 16.39 -20.73
CA GLY B 342 -15.78 15.88 -21.92
C GLY B 342 -15.61 16.81 -23.09
N LYS B 343 -14.37 17.25 -23.31
CA LYS B 343 -14.07 18.27 -24.33
C LYS B 343 -15.17 19.32 -24.46
N GLY B 344 -15.58 19.89 -23.33
CA GLY B 344 -16.57 20.96 -23.29
C GLY B 344 -17.98 20.65 -23.75
N VAL B 345 -18.31 19.38 -23.96
CA VAL B 345 -19.68 19.04 -24.33
C VAL B 345 -20.44 18.35 -23.21
N ALA B 346 -19.70 17.60 -22.41
CA ALA B 346 -20.27 16.82 -21.34
C ALA B 346 -21.28 17.63 -20.51
N CYS B 347 -20.93 18.88 -20.21
CA CYS B 347 -21.76 19.70 -19.33
C CYS B 347 -22.33 20.98 -19.95
N ASN B 348 -22.63 20.92 -21.24
CA ASN B 348 -23.13 22.10 -21.93
C ASN B 348 -24.43 21.85 -22.67
N PRO B 349 -25.55 22.31 -22.07
CA PRO B 349 -25.62 23.39 -21.08
C PRO B 349 -25.42 23.00 -19.63
N ALA B 350 -25.81 21.77 -19.28
CA ALA B 350 -25.62 21.28 -17.93
C ALA B 350 -25.37 19.80 -17.99
N CYS B 351 -24.94 19.26 -16.85
CA CYS B 351 -24.83 17.83 -16.70
C CYS B 351 -25.28 17.45 -15.30
N PHE B 352 -25.89 16.28 -15.16
CA PHE B 352 -26.08 15.73 -13.85
C PHE B 352 -24.90 14.84 -13.52
N ILE B 353 -24.28 15.10 -12.38
CA ILE B 353 -23.14 14.32 -11.94
C ILE B 353 -23.47 13.32 -10.83
N THR B 354 -23.17 12.07 -11.11
CA THR B 354 -23.24 11.05 -10.10
C THR B 354 -21.83 10.61 -9.74
N GLN B 355 -21.55 10.61 -8.44
CA GLN B 355 -20.36 9.99 -7.93
C GLN B 355 -20.61 8.51 -7.85
N LEU B 356 -19.63 7.71 -8.24
CA LEU B 356 -19.74 6.26 -8.22
C LEU B 356 -18.82 5.64 -7.18
N LEU B 357 -17.64 6.24 -7.02
CA LEU B 357 -16.66 5.81 -6.03
C LEU B 357 -16.01 7.03 -5.39
N PRO B 358 -15.55 6.90 -4.13
CA PRO B 358 -15.54 5.68 -3.34
C PRO B 358 -16.92 5.20 -2.94
N VAL B 359 -17.90 6.09 -2.89
CA VAL B 359 -19.27 5.66 -2.63
C VAL B 359 -20.18 6.21 -3.72
N LYS B 360 -21.33 5.58 -3.91
CA LYS B 360 -22.30 6.08 -4.86
C LYS B 360 -23.09 7.23 -4.23
N ARG B 361 -23.13 8.38 -4.91
CA ARG B 361 -23.89 9.53 -4.44
C ARG B 361 -24.23 10.51 -5.53
N LYS B 362 -25.49 10.91 -5.59
CA LYS B 362 -25.93 11.88 -6.59
C LYS B 362 -25.46 13.27 -6.17
N LEU B 363 -24.65 13.91 -7.00
CA LEU B 363 -24.14 15.24 -6.65
C LEU B 363 -25.04 16.39 -7.10
N GLY B 364 -25.84 16.16 -8.15
CA GLY B 364 -26.75 17.19 -8.66
C GLY B 364 -26.42 17.77 -10.02
N PHE B 365 -27.19 18.77 -10.43
CA PHE B 365 -27.02 19.41 -11.73
C PHE B 365 -25.95 20.46 -11.65
N TYR B 366 -25.07 20.51 -12.66
CA TYR B 366 -24.03 21.50 -12.75
C TYR B 366 -24.15 22.20 -14.09
N GLU B 367 -24.24 23.54 -14.06
CA GLU B 367 -24.26 24.34 -15.29
C GLU B 367 -22.93 24.29 -15.99
N TRP B 368 -22.92 24.77 -17.24
CA TRP B 368 -21.72 24.84 -18.03
C TRP B 368 -20.57 25.56 -17.30
N THR B 369 -20.94 26.62 -16.61
CA THR B 369 -19.97 27.56 -16.10
C THR B 369 -19.50 27.25 -14.69
N SER B 370 -20.08 26.21 -14.08
CA SER B 370 -19.85 25.92 -12.67
C SER B 370 -18.59 25.11 -12.43
N ARG B 371 -18.27 24.95 -11.15
CA ARG B 371 -17.09 24.18 -10.74
C ARG B 371 -17.55 23.05 -9.86
N LEU B 372 -16.81 21.94 -9.90
CA LEU B 372 -17.08 20.82 -9.04
C LEU B 372 -15.97 20.71 -8.03
N ARG B 373 -16.34 20.67 -6.77
CA ARG B 373 -15.36 20.47 -5.71
C ARG B 373 -15.47 19.06 -5.17
N SER B 374 -14.31 18.40 -5.05
CA SER B 374 -14.21 17.09 -4.41
C SER B 374 -13.15 17.06 -3.34
N HIS B 375 -13.26 16.07 -2.47
CA HIS B 375 -12.21 15.72 -1.54
C HIS B 375 -11.82 14.29 -1.88
N ILE B 376 -10.54 14.08 -2.14
CA ILE B 376 -10.06 12.78 -2.61
C ILE B 376 -9.00 12.26 -1.66
N ASN B 377 -9.18 11.04 -1.17
CA ASN B 377 -8.21 10.47 -0.24
C ASN B 377 -6.85 10.23 -0.90
N PRO B 378 -5.76 10.35 -0.12
CA PRO B 378 -4.44 9.98 -0.60
C PRO B 378 -4.45 8.57 -1.18
N THR B 379 -4.02 8.47 -2.44
CA THR B 379 -3.99 7.24 -3.27
C THR B 379 -5.37 6.75 -3.68
N GLY B 380 -6.40 7.48 -3.28
CA GLY B 380 -7.76 7.16 -3.70
C GLY B 380 -8.15 7.79 -5.02
N THR B 381 -9.37 7.51 -5.45
CA THR B 381 -9.93 8.05 -6.66
C THR B 381 -11.41 8.31 -6.47
N VAL B 382 -11.87 9.46 -6.95
CA VAL B 382 -13.31 9.74 -7.08
C VAL B 382 -13.70 9.45 -8.53
N LEU B 383 -14.63 8.51 -8.71
CA LEU B 383 -15.16 8.21 -10.03
C LEU B 383 -16.51 8.85 -10.24
N LEU B 384 -16.70 9.47 -11.40
CA LEU B 384 -17.89 10.25 -11.69
C LEU B 384 -18.54 9.82 -12.99
N GLN B 385 -19.86 9.95 -13.04
CA GLN B 385 -20.60 9.79 -14.27
C GLN B 385 -21.26 11.12 -14.56
N LEU B 386 -21.07 11.63 -15.77
CA LEU B 386 -21.74 12.85 -16.19
C LEU B 386 -22.81 12.49 -17.22
N GLU B 387 -24.05 12.92 -16.97
CA GLU B 387 -25.13 12.87 -17.96
C GLU B 387 -25.33 14.27 -18.49
N ASN B 388 -25.27 14.45 -19.81
CA ASN B 388 -25.63 15.73 -20.38
C ASN B 388 -27.13 15.95 -20.25
N THR B 389 -27.55 17.09 -19.71
CA THR B 389 -28.97 17.35 -19.46
C THR B 389 -29.86 17.27 -20.70
N MET B 390 -29.34 17.66 -21.86
CA MET B 390 -30.07 17.52 -23.14
C MET B 390 -30.56 16.09 -23.34
N GLN B 391 -29.75 15.12 -22.91
CA GLN B 391 -30.06 13.71 -23.10
C GLN B 391 -31.11 13.19 -22.11
N MET B 392 -31.29 13.92 -21.01
CA MET B 392 -32.28 13.56 -20.00
C MET B 392 -33.63 14.18 -20.35
N SER B 393 -33.61 15.12 -21.30
CA SER B 393 -34.82 15.64 -21.95
C SER B 393 -35.39 14.55 -22.84
N LEU B 394 -34.49 13.86 -23.53
CA LEU B 394 -34.84 12.84 -24.51
C LEU B 394 -34.85 11.44 -23.87
#